data_2V60
#
_entry.id   2V60
#
_cell.length_a   130.694
_cell.length_b   224.413
_cell.length_c   86.811
_cell.angle_alpha   90.00
_cell.angle_beta   90.00
_cell.angle_gamma   90.00
#
_symmetry.space_group_name_H-M   'C 2 2 2'
#
loop_
_entity.id
_entity.type
_entity.pdbx_description
1 polymer 'AMINE OXIDASE (FLAVIN-CONTAINING) B'
2 non-polymer 'FLAVIN-ADENINE DINUCLEOTIDE'
3 non-polymer 7-[(3-CHLOROBENZYL)OXY]-2-OXO-2H-CHROMENE-4-CARBALDEHYDE
4 water water
#
_entity_poly.entity_id   1
_entity_poly.type   'polypeptide(L)'
_entity_poly.pdbx_seq_one_letter_code
;MSNKCDVVVVGGGISGMAAAKLLHDSGLNVVVLEARDRVGGRTYTLRNQKVKYVDLGGSYVGPTQNRILRLAKELGLETY
KVNEVERLIHHVKGKSYPFRGPFPPVWNPITYLDHNNFWRTMDDMGREIPSDAPWKAPLAEEWDNMTMKELLDKLCWTES
AKQLATLFVNLCVTAETHEVSALWFLWYVKQCGGTTRIISTTNGGQERKFVGGSGQVSERIMDLLGDRVKLERPVIYIDQ
TRENVLVETLNHEMYEAKYVISAIPPTLGMKIHFNPPLPMMRNQMITRVPLGSVIKCIVYYKEPFWRKKDYCGTMIIDGE
EAPVAYTLDDTKPEGNYAAIMGFILAHKARKLARLTKEERLKKLCELYAKVLGSLEALEPVHYEEKNWCEEQYSGGCYTT
YFPPGILTQYGRVLRQPVDRIYFAGTETATHWSGYMEGAVEAGERAAREILHAMGKIPEDEIWQSEPESVDVPAQPITTT
FLERHLPSVPGLLRLIGLTTIFSATALGFLAHKRGLLVRV
;
_entity_poly.pdbx_strand_id   A,B
#
loop_
_chem_comp.id
_chem_comp.type
_chem_comp.name
_chem_comp.formula
C17 non-polymer 7-[(3-CHLOROBENZYL)OXY]-2-OXO-2H-CHROMENE-4-CARBALDEHYDE 'C17 H11 Cl O4'
FAD non-polymer 'FLAVIN-ADENINE DINUCLEOTIDE' 'C27 H33 N9 O15 P2'
#
# COMPACT_ATOMS: atom_id res chain seq x y z
N ASN A 3 26.28 6.25 -22.99
CA ASN A 3 26.27 4.75 -22.89
C ASN A 3 27.07 4.28 -21.64
N LYS A 4 28.40 4.16 -21.71
CA LYS A 4 29.15 3.38 -20.69
C LYS A 4 29.73 4.21 -19.53
N CYS A 5 29.54 3.69 -18.32
CA CYS A 5 30.10 4.27 -17.08
C CYS A 5 30.26 3.15 -16.05
N ASP A 6 30.79 3.48 -14.87
CA ASP A 6 30.90 2.51 -13.80
C ASP A 6 29.57 2.29 -13.06
N VAL A 7 28.93 3.38 -12.66
CA VAL A 7 27.67 3.31 -11.89
C VAL A 7 26.62 4.25 -12.47
N VAL A 8 25.42 3.74 -12.66
CA VAL A 8 24.29 4.60 -12.97
C VAL A 8 23.55 4.83 -11.64
N VAL A 9 23.26 6.09 -11.32
CA VAL A 9 22.39 6.41 -10.21
C VAL A 9 21.03 6.79 -10.79
N VAL A 10 20.01 6.05 -10.39
CA VAL A 10 18.64 6.43 -10.71
C VAL A 10 18.06 7.35 -9.65
N GLY A 11 17.75 8.58 -10.06
CA GLY A 11 17.23 9.56 -9.18
C GLY A 11 18.27 10.62 -8.84
N GLY A 12 17.88 11.87 -8.99
CA GLY A 12 18.73 13.01 -8.67
C GLY A 12 18.18 13.90 -7.59
N GLY A 13 17.59 13.30 -6.54
CA GLY A 13 17.29 14.01 -5.29
C GLY A 13 18.54 14.04 -4.42
N ILE A 14 18.42 14.47 -3.17
CA ILE A 14 19.62 14.52 -2.32
C ILE A 14 20.36 13.15 -2.18
N SER A 15 19.60 12.06 -2.08
CA SER A 15 20.25 10.76 -1.92
C SER A 15 21.08 10.34 -3.13
N GLY A 16 20.47 10.38 -4.31
CA GLY A 16 21.17 10.04 -5.56
C GLY A 16 22.38 10.95 -5.80
N MET A 17 22.19 12.25 -5.61
CA MET A 17 23.30 13.21 -5.73
C MET A 17 24.46 13.02 -4.72
N ALA A 18 24.15 12.79 -3.44
CA ALA A 18 25.18 12.42 -2.43
C ALA A 18 25.96 11.15 -2.79
N ALA A 19 25.27 10.13 -3.34
CA ALA A 19 25.90 8.89 -3.74
C ALA A 19 26.85 9.15 -4.93
N ALA A 20 26.34 9.89 -5.91
CA ALA A 20 27.10 10.16 -7.10
C ALA A 20 28.31 11.02 -6.76
N LYS A 21 28.18 11.97 -5.84
CA LYS A 21 29.31 12.78 -5.41
C LYS A 21 30.40 11.87 -4.80
N LEU A 22 29.99 10.98 -3.92
CA LEU A 22 30.95 10.17 -3.19
C LEU A 22 31.72 9.30 -4.19
N LEU A 23 30.97 8.60 -5.05
CA LEU A 23 31.51 7.81 -6.16
C LEU A 23 32.46 8.58 -7.11
N HIS A 24 32.05 9.77 -7.55
CA HIS A 24 32.87 10.64 -8.43
C HIS A 24 34.17 11.03 -7.74
N ASP A 25 34.06 11.48 -6.49
CA ASP A 25 35.24 11.77 -5.63
C ASP A 25 36.19 10.59 -5.40
N SER A 26 35.69 9.37 -5.52
CA SER A 26 36.52 8.17 -5.41
C SER A 26 37.18 7.79 -6.75
N GLY A 27 36.89 8.55 -7.81
CA GLY A 27 37.47 8.28 -9.13
C GLY A 27 36.67 7.41 -10.09
N LEU A 28 35.40 7.12 -9.75
CA LEU A 28 34.54 6.34 -10.62
C LEU A 28 33.80 7.24 -11.62
N ASN A 29 33.47 6.68 -12.78
CA ASN A 29 32.63 7.34 -13.79
C ASN A 29 31.17 7.05 -13.46
N VAL A 30 30.46 8.10 -13.06
CA VAL A 30 29.05 7.98 -12.72
C VAL A 30 28.16 8.77 -13.69
N VAL A 31 26.92 8.30 -13.84
CA VAL A 31 25.89 9.06 -14.52
C VAL A 31 24.68 9.03 -13.58
N VAL A 32 23.97 10.14 -13.51
CA VAL A 32 22.72 10.27 -12.75
C VAL A 32 21.59 10.48 -13.75
N LEU A 33 20.58 9.60 -13.70
CA LEU A 33 19.44 9.73 -14.58
C LEU A 33 18.25 10.28 -13.80
N GLU A 34 17.84 11.48 -14.14
CA GLU A 34 16.79 12.15 -13.44
C GLU A 34 15.56 12.29 -14.33
N ALA A 35 14.44 11.77 -13.84
CA ALA A 35 13.15 11.83 -14.57
C ALA A 35 12.70 13.27 -14.89
N ARG A 36 12.90 14.19 -13.94
CA ARG A 36 12.39 15.58 -14.06
C ARG A 36 13.35 16.48 -14.85
N ASP A 37 12.85 17.68 -15.20
CA ASP A 37 13.67 18.75 -15.81
C ASP A 37 14.49 19.53 -14.79
N ARG A 38 14.62 18.98 -13.56
CA ARG A 38 15.34 19.63 -12.47
C ARG A 38 15.86 18.52 -11.54
N VAL A 39 16.89 18.81 -10.74
CA VAL A 39 17.32 17.96 -9.65
C VAL A 39 16.65 18.41 -8.32
N GLY A 40 16.80 17.61 -7.27
CA GLY A 40 16.31 17.99 -5.94
C GLY A 40 15.16 17.12 -5.40
N GLY A 41 14.34 16.56 -6.29
CA GLY A 41 13.31 15.57 -5.92
C GLY A 41 12.28 16.18 -4.99
N ARG A 42 12.20 15.67 -3.75
CA ARG A 42 11.27 16.18 -2.72
C ARG A 42 11.77 17.50 -2.06
N THR A 43 12.94 17.96 -2.49
CA THR A 43 13.30 19.35 -2.20
C THR A 43 13.12 20.14 -3.48
N TYR A 44 12.62 21.36 -3.32
CA TYR A 44 12.33 22.24 -4.43
C TYR A 44 12.30 23.67 -3.90
N THR A 45 13.25 24.46 -4.36
CA THR A 45 13.33 25.90 -4.05
C THR A 45 12.83 26.77 -5.21
N LEU A 46 11.65 27.37 -5.06
CA LEU A 46 11.10 28.29 -6.06
C LEU A 46 11.78 29.67 -5.92
N ARG A 47 12.18 30.29 -7.03
CA ARG A 47 12.63 31.72 -7.00
C ARG A 47 11.76 32.60 -7.87
N ASN A 48 11.36 33.73 -7.32
CA ASN A 48 10.70 34.81 -8.06
C ASN A 48 10.88 36.10 -7.29
N GLN A 49 10.47 37.19 -7.89
CA GLN A 49 10.74 38.49 -7.31
C GLN A 49 9.90 38.71 -6.04
N LYS A 50 8.72 38.08 -5.96
CA LYS A 50 7.87 38.30 -4.80
C LYS A 50 8.36 37.64 -3.52
N VAL A 51 8.96 36.46 -3.63
CA VAL A 51 9.32 35.65 -2.45
C VAL A 51 10.83 35.63 -2.23
N LYS A 52 11.53 36.07 -3.28
CA LYS A 52 13.00 35.88 -3.45
C LYS A 52 13.40 34.41 -3.65
N TYR A 53 13.29 33.62 -2.57
CA TYR A 53 13.35 32.17 -2.69
C TYR A 53 12.42 31.58 -1.67
N VAL A 54 11.89 30.38 -1.93
CA VAL A 54 11.12 29.69 -0.91
C VAL A 54 11.18 28.20 -1.13
N ASP A 55 11.42 27.46 -0.04
CA ASP A 55 11.35 25.98 -0.08
C ASP A 55 9.90 25.48 -0.12
N LEU A 56 9.56 24.75 -1.18
CA LEU A 56 8.21 24.21 -1.30
C LEU A 56 8.13 22.72 -0.89
N GLY A 57 9.31 22.10 -0.73
CA GLY A 57 9.43 20.73 -0.18
C GLY A 57 10.28 20.74 1.09
N GLY A 58 11.16 19.74 1.22
CA GLY A 58 12.04 19.62 2.41
C GLY A 58 12.80 20.91 2.66
N SER A 59 12.89 21.30 3.92
CA SER A 59 13.44 22.61 4.28
C SER A 59 14.28 22.64 5.59
N TYR A 60 13.74 22.09 6.68
CA TYR A 60 14.39 22.19 8.01
C TYR A 60 15.50 21.17 8.24
N VAL A 61 16.53 21.62 8.92
CA VAL A 61 17.60 20.78 9.43
C VAL A 61 17.83 21.15 10.90
N GLY A 62 18.48 20.27 11.67
CA GLY A 62 18.69 20.56 13.10
C GLY A 62 19.80 19.74 13.76
N PRO A 63 19.99 19.92 15.09
CA PRO A 63 20.98 19.14 15.83
C PRO A 63 20.83 17.60 15.71
N THR A 64 21.97 16.95 15.61
CA THR A 64 22.11 15.50 15.39
C THR A 64 21.95 15.11 13.92
N GLN A 65 21.58 16.06 13.06
CA GLN A 65 21.55 15.80 11.60
C GLN A 65 22.89 16.22 10.98
N ASN A 66 23.95 15.50 11.35
CA ASN A 66 25.32 15.93 11.04
C ASN A 66 25.82 15.67 9.60
N ARG A 67 25.22 14.69 8.91
CA ARG A 67 25.58 14.40 7.50
C ARG A 67 25.09 15.48 6.50
N ILE A 68 23.85 15.94 6.67
CA ILE A 68 23.32 16.97 5.73
C ILE A 68 24.00 18.29 6.04
N LEU A 69 24.28 18.56 7.31
CA LEU A 69 25.01 19.76 7.67
C LEU A 69 26.45 19.81 7.09
N ARG A 70 27.16 18.71 7.20
CA ARG A 70 28.50 18.58 6.63
C ARG A 70 28.48 18.64 5.08
N LEU A 71 27.62 17.86 4.44
CA LEU A 71 27.45 17.96 2.98
C LEU A 71 27.15 19.39 2.54
N ALA A 72 26.15 20.02 3.19
CA ALA A 72 25.78 21.40 2.81
C ALA A 72 26.92 22.42 3.10
N LYS A 73 27.61 22.27 4.23
CA LYS A 73 28.75 23.13 4.54
C LYS A 73 29.86 23.00 3.49
N GLU A 74 30.13 21.78 3.02
CA GLU A 74 31.18 21.55 2.02
C GLU A 74 30.83 22.17 0.65
N LEU A 75 29.53 22.34 0.38
CA LEU A 75 29.02 22.99 -0.82
C LEU A 75 29.00 24.50 -0.70
N GLY A 76 29.39 25.01 0.46
CA GLY A 76 29.46 26.44 0.69
C GLY A 76 28.13 27.01 1.15
N LEU A 77 27.27 26.16 1.71
CA LEU A 77 25.98 26.67 2.23
C LEU A 77 26.02 27.06 3.71
N GLU A 78 25.07 27.91 4.10
CA GLU A 78 24.94 28.37 5.46
C GLU A 78 23.52 28.11 5.94
N THR A 79 23.35 27.96 7.26
CA THR A 79 22.01 27.83 7.89
C THR A 79 21.65 29.10 8.64
N TYR A 80 20.37 29.22 9.00
CA TYR A 80 19.91 30.29 9.89
C TYR A 80 18.82 29.68 10.77
N LYS A 81 18.62 30.26 11.94
CA LYS A 81 17.62 29.75 12.89
C LYS A 81 16.22 30.23 12.59
N VAL A 82 15.30 29.28 12.61
CA VAL A 82 13.89 29.53 12.57
C VAL A 82 13.47 30.35 13.80
N ASN A 83 12.62 31.36 13.59
CA ASN A 83 12.16 32.25 14.67
C ASN A 83 11.43 31.49 15.75
N GLU A 84 11.99 31.49 16.97
CA GLU A 84 11.28 31.02 18.14
C GLU A 84 11.53 31.94 19.34
N VAL A 85 11.71 33.23 19.09
CA VAL A 85 12.00 34.16 20.18
C VAL A 85 10.78 34.35 21.09
N GLU A 86 9.62 34.52 20.47
CA GLU A 86 8.38 34.82 21.18
C GLU A 86 7.59 33.52 21.53
N ARG A 87 6.33 33.67 21.96
CA ARG A 87 5.52 32.54 22.43
C ARG A 87 4.95 31.70 21.28
N LEU A 88 4.85 30.37 21.51
CA LEU A 88 4.15 29.45 20.64
C LEU A 88 2.67 29.52 20.97
N ILE A 89 1.81 29.04 20.07
CA ILE A 89 0.39 28.99 20.35
C ILE A 89 -0.09 27.55 20.18
N HIS A 90 -0.89 27.10 21.16
CA HIS A 90 -1.69 25.89 21.00
C HIS A 90 -3.13 26.37 20.95
N HIS A 91 -3.78 26.10 19.84
CA HIS A 91 -5.16 26.49 19.64
C HIS A 91 -5.99 25.22 19.76
N VAL A 92 -6.88 25.19 20.73
CA VAL A 92 -7.69 24.01 20.93
C VAL A 92 -9.09 24.43 21.40
N LYS A 93 -10.11 23.80 20.80
CA LYS A 93 -11.53 24.08 21.07
C LYS A 93 -11.86 25.57 20.86
N GLY A 94 -11.32 26.11 19.78
CA GLY A 94 -11.63 27.44 19.30
C GLY A 94 -10.96 28.59 20.00
N LYS A 95 -10.00 28.29 20.89
CA LYS A 95 -9.27 29.31 21.69
C LYS A 95 -7.74 29.11 21.64
N SER A 96 -6.97 30.20 21.77
CA SER A 96 -5.50 30.10 21.73
C SER A 96 -4.87 30.23 23.12
N TYR A 97 -3.84 29.43 23.39
CA TYR A 97 -3.15 29.38 24.70
C TYR A 97 -1.64 29.51 24.47
N PRO A 98 -1.08 30.71 24.70
CA PRO A 98 0.36 30.91 24.46
C PRO A 98 1.22 30.18 25.46
N PHE A 99 2.42 29.86 25.05
CA PHE A 99 3.29 29.09 25.92
C PHE A 99 4.73 29.14 25.44
N ARG A 100 5.60 28.63 26.32
CA ARG A 100 7.02 28.50 26.03
C ARG A 100 7.44 27.04 26.29
N GLY A 101 8.52 26.62 25.66
CA GLY A 101 8.97 25.22 25.79
C GLY A 101 8.44 24.47 24.60
N PRO A 102 8.93 23.24 24.38
CA PRO A 102 8.53 22.47 23.20
C PRO A 102 7.09 21.94 23.20
N PHE A 103 6.57 21.62 24.41
CA PHE A 103 5.23 21.01 24.59
C PHE A 103 4.24 21.99 25.23
N PRO A 104 3.00 22.07 24.72
CA PRO A 104 1.97 22.87 25.38
C PRO A 104 1.77 22.37 26.84
N PRO A 105 1.81 23.29 27.82
CA PRO A 105 1.64 22.85 29.21
C PRO A 105 0.21 22.35 29.51
N VAL A 106 0.13 21.47 30.49
CA VAL A 106 -1.12 20.85 30.90
C VAL A 106 -1.28 21.07 32.41
N TRP A 107 -2.37 21.71 32.81
CA TRP A 107 -2.60 22.09 34.21
C TRP A 107 -3.39 21.08 35.04
N ASN A 108 -4.46 20.54 34.45
CA ASN A 108 -5.27 19.51 35.09
C ASN A 108 -4.39 18.31 35.50
N PRO A 109 -4.34 17.97 36.80
CA PRO A 109 -3.40 16.93 37.25
C PRO A 109 -3.60 15.55 36.63
N ILE A 110 -4.85 15.10 36.47
CA ILE A 110 -5.11 13.80 35.83
C ILE A 110 -4.70 13.84 34.36
N THR A 111 -5.07 14.91 33.67
CA THR A 111 -4.68 15.11 32.29
C THR A 111 -3.16 15.20 32.15
N TYR A 112 -2.51 15.89 33.11
CA TYR A 112 -1.04 15.99 33.09
C TYR A 112 -0.39 14.61 33.19
N LEU A 113 -0.89 13.76 34.07
CA LEU A 113 -0.40 12.40 34.20
C LEU A 113 -0.51 11.64 32.87
N ASP A 114 -1.66 11.80 32.21
CA ASP A 114 -1.94 11.11 30.94
C ASP A 114 -1.02 11.57 29.77
N HIS A 115 -0.89 12.90 29.60
CA HIS A 115 0.07 13.52 28.67
C HIS A 115 1.53 13.11 28.95
N ASN A 116 1.97 13.23 30.21
CA ASN A 116 3.31 12.81 30.58
C ASN A 116 3.55 11.32 30.23
N ASN A 117 2.62 10.46 30.63
CA ASN A 117 2.70 9.03 30.31
C ASN A 117 2.73 8.72 28.81
N PHE A 118 1.97 9.49 28.01
CA PHE A 118 1.92 9.31 26.57
C PHE A 118 3.31 9.45 25.95
N TRP A 119 3.94 10.61 26.11
CA TRP A 119 5.25 10.85 25.52
C TRP A 119 6.32 9.90 26.10
N ARG A 120 6.30 9.71 27.42
CA ARG A 120 7.21 8.79 28.10
C ARG A 120 7.12 7.37 27.50
N THR A 121 5.88 6.90 27.30
CA THR A 121 5.64 5.53 26.77
C THR A 121 6.07 5.37 25.29
N MET A 122 5.83 6.40 24.45
CA MET A 122 6.31 6.37 23.04
C MET A 122 7.82 6.10 23.05
N ASP A 123 8.53 6.78 23.92
CA ASP A 123 10.00 6.63 24.02
C ASP A 123 10.42 5.33 24.72
N ASP A 124 9.67 4.92 25.73
CA ASP A 124 9.88 3.61 26.39
C ASP A 124 9.80 2.46 25.37
N MET A 125 8.74 2.46 24.58
CA MET A 125 8.55 1.43 23.55
C MET A 125 9.63 1.55 22.49
N GLY A 126 9.99 2.78 22.10
CA GLY A 126 11.00 3.00 21.06
C GLY A 126 12.35 2.41 21.41
N ARG A 127 12.72 2.47 22.70
CA ARG A 127 13.96 1.87 23.17
C ARG A 127 14.05 0.33 23.05
N GLU A 128 12.92 -0.34 22.85
CA GLU A 128 12.90 -1.79 22.55
C GLU A 128 13.13 -2.10 21.04
N ILE A 129 13.19 -1.06 20.21
CA ILE A 129 13.20 -1.23 18.75
C ILE A 129 14.56 -0.88 18.18
N PRO A 130 15.30 -1.89 17.64
CA PRO A 130 16.60 -1.57 17.01
C PRO A 130 16.43 -0.65 15.77
N SER A 131 17.20 0.43 15.70
CA SER A 131 17.13 1.37 14.58
C SER A 131 17.36 0.70 13.22
N ASP A 132 18.29 -0.26 13.19
CA ASP A 132 18.71 -0.94 11.94
C ASP A 132 17.88 -2.18 11.60
N ALA A 133 17.02 -2.61 12.53
CA ALA A 133 16.24 -3.86 12.41
C ALA A 133 14.96 -3.77 13.28
N PRO A 134 14.02 -2.87 12.93
CA PRO A 134 12.82 -2.76 13.83
C PRO A 134 12.02 -4.06 14.02
N TRP A 135 11.99 -4.90 12.99
CA TRP A 135 11.34 -6.22 13.07
C TRP A 135 12.00 -7.15 14.14
N LYS A 136 13.12 -6.72 14.73
CA LYS A 136 13.76 -7.51 15.80
C LYS A 136 13.31 -7.12 17.21
N ALA A 137 12.46 -6.11 17.34
CA ALA A 137 11.90 -5.77 18.66
C ALA A 137 11.20 -7.03 19.26
N PRO A 138 11.35 -7.27 20.58
CA PRO A 138 10.68 -8.42 21.21
C PRO A 138 9.19 -8.56 20.91
N LEU A 139 8.47 -7.44 20.90
CA LEU A 139 7.04 -7.51 20.62
C LEU A 139 6.73 -6.99 19.21
N ALA A 140 7.67 -7.21 18.29
CA ALA A 140 7.53 -6.66 16.93
C ALA A 140 6.22 -7.06 16.27
N GLU A 141 5.87 -8.35 16.36
CA GLU A 141 4.63 -8.81 15.72
C GLU A 141 3.38 -8.15 16.32
N GLU A 142 3.27 -8.21 17.65
CA GLU A 142 2.16 -7.56 18.35
C GLU A 142 2.03 -6.06 17.98
N TRP A 143 3.15 -5.33 18.01
CA TRP A 143 3.12 -3.90 17.68
C TRP A 143 2.83 -3.63 16.21
N ASP A 144 3.34 -4.48 15.32
CA ASP A 144 3.14 -4.25 13.88
C ASP A 144 1.70 -4.55 13.40
N ASN A 145 0.97 -5.35 14.18
CA ASN A 145 -0.35 -5.79 13.81
C ASN A 145 -1.46 -4.87 14.30
N MET A 146 -1.07 -3.69 14.82
CA MET A 146 -1.94 -2.69 15.40
C MET A 146 -1.64 -1.39 14.61
N THR A 147 -2.65 -0.53 14.44
CA THR A 147 -2.44 0.80 13.91
C THR A 147 -2.04 1.73 15.07
N MET A 148 -1.52 2.92 14.73
CA MET A 148 -1.36 3.94 15.75
C MET A 148 -2.68 4.34 16.42
N LYS A 149 -3.80 4.34 15.67
CA LYS A 149 -5.13 4.62 16.32
C LYS A 149 -5.46 3.67 17.45
N GLU A 150 -5.30 2.36 17.21
CA GLU A 150 -5.49 1.35 18.24
C GLU A 150 -4.56 1.58 19.43
N LEU A 151 -3.27 1.83 19.18
CA LEU A 151 -2.35 2.10 20.29
C LEU A 151 -2.78 3.30 21.16
N LEU A 152 -3.08 4.44 20.50
CA LEU A 152 -3.59 5.63 21.16
C LEU A 152 -4.88 5.38 21.95
N ASP A 153 -5.84 4.67 21.36
CA ASP A 153 -7.03 4.18 22.11
C ASP A 153 -6.70 3.43 23.42
N LYS A 154 -5.69 2.55 23.43
CA LYS A 154 -5.29 1.85 24.68
C LYS A 154 -4.55 2.73 25.71
N LEU A 155 -3.78 3.68 25.21
CA LEU A 155 -2.79 4.38 26.01
C LEU A 155 -3.30 5.67 26.59
N CYS A 156 -4.17 6.36 25.87
CA CYS A 156 -4.59 7.71 26.24
C CYS A 156 -5.90 7.65 27.04
N TRP A 157 -5.85 8.00 28.33
CA TRP A 157 -7.03 7.92 29.20
C TRP A 157 -7.86 9.21 29.18
N THR A 158 -7.39 10.19 28.42
CA THR A 158 -8.06 11.48 28.26
C THR A 158 -8.15 11.80 26.77
N GLU A 159 -9.26 12.44 26.38
CA GLU A 159 -9.39 12.95 25.00
C GLU A 159 -8.38 14.03 24.66
N SER A 160 -7.99 14.81 25.67
CA SER A 160 -6.95 15.81 25.52
C SER A 160 -5.61 15.22 24.99
N ALA A 161 -5.16 14.14 25.61
CA ALA A 161 -3.93 13.45 25.20
C ALA A 161 -4.10 12.78 23.84
N LYS A 162 -5.23 12.11 23.65
CA LYS A 162 -5.51 11.46 22.41
C LYS A 162 -5.57 12.43 21.19
N GLN A 163 -6.19 13.61 21.36
CA GLN A 163 -6.20 14.65 20.29
C GLN A 163 -4.79 15.17 19.92
N LEU A 164 -3.98 15.49 20.94
CA LEU A 164 -2.62 15.98 20.75
C LEU A 164 -1.73 14.92 20.09
N ALA A 165 -1.85 13.70 20.56
CA ALA A 165 -1.13 12.55 20.00
C ALA A 165 -1.51 12.29 18.53
N THR A 166 -2.79 12.51 18.18
CA THR A 166 -3.27 12.34 16.80
C THR A 166 -2.64 13.39 15.89
N LEU A 167 -2.61 14.64 16.36
CA LEU A 167 -1.96 15.72 15.64
C LEU A 167 -0.46 15.41 15.49
N PHE A 168 0.17 14.93 16.56
CA PHE A 168 1.59 14.46 16.49
C PHE A 168 1.79 13.48 15.32
N VAL A 169 0.97 12.44 15.24
CA VAL A 169 1.14 11.45 14.18
C VAL A 169 0.91 12.09 12.79
N ASN A 170 -0.20 12.81 12.62
CA ASN A 170 -0.50 13.44 11.32
C ASN A 170 0.67 14.32 10.88
N LEU A 171 1.26 15.07 11.81
CA LEU A 171 2.32 16.01 11.45
C LEU A 171 3.64 15.32 11.16
N CYS A 172 3.92 14.24 11.89
CA CYS A 172 5.20 13.55 11.74
C CYS A 172 5.27 12.76 10.44
N VAL A 173 4.16 12.12 10.04
CA VAL A 173 4.20 11.23 8.88
C VAL A 173 3.11 11.45 7.83
N THR A 174 2.46 12.63 7.87
CA THR A 174 1.46 13.04 6.85
C THR A 174 0.44 11.94 6.51
N ALA A 175 0.01 11.24 7.56
CA ALA A 175 -0.91 10.13 7.45
C ALA A 175 -1.79 10.08 8.69
N GLU A 176 -2.94 9.45 8.52
CA GLU A 176 -3.91 9.27 9.63
C GLU A 176 -3.42 8.16 10.57
N THR A 177 -3.84 8.21 11.84
CA THR A 177 -3.40 7.25 12.85
C THR A 177 -3.86 5.84 12.49
N HIS A 178 -5.05 5.74 11.90
CA HIS A 178 -5.62 4.45 11.39
C HIS A 178 -4.88 3.88 10.15
N GLU A 179 -4.04 4.69 9.49
CA GLU A 179 -3.39 4.23 8.22
C GLU A 179 -2.06 3.53 8.52
N VAL A 180 -1.42 3.89 9.64
CA VAL A 180 -0.02 3.46 9.88
C VAL A 180 0.19 2.37 10.95
N SER A 181 1.21 1.52 10.74
CA SER A 181 1.60 0.51 11.75
C SER A 181 2.15 1.21 13.01
N ALA A 182 1.72 0.77 14.21
CA ALA A 182 2.28 1.24 15.50
C ALA A 182 3.75 0.94 15.55
N LEU A 183 4.15 -0.28 15.22
CA LEU A 183 5.60 -0.61 15.19
C LEU A 183 6.41 0.34 14.30
N TRP A 184 5.94 0.53 13.05
CA TRP A 184 6.65 1.42 12.12
C TRP A 184 6.75 2.84 12.74
N PHE A 185 5.63 3.36 13.23
CA PHE A 185 5.64 4.74 13.74
C PHE A 185 6.59 4.88 14.97
N LEU A 186 6.50 3.95 15.92
CA LEU A 186 7.42 3.91 17.05
C LEU A 186 8.91 3.82 16.63
N TRP A 187 9.21 3.00 15.63
CA TRP A 187 10.58 2.97 15.05
C TRP A 187 10.92 4.34 14.47
N TYR A 188 10.01 4.90 13.66
CA TYR A 188 10.27 6.16 12.97
C TYR A 188 10.67 7.27 14.00
N VAL A 189 9.94 7.38 15.11
CA VAL A 189 10.18 8.46 16.06
C VAL A 189 11.51 8.22 16.75
N LYS A 190 11.73 6.98 17.20
CA LYS A 190 12.97 6.58 17.86
C LYS A 190 14.23 6.85 17.01
N GLN A 191 14.19 6.45 15.74
CA GLN A 191 15.34 6.64 14.86
C GLN A 191 15.65 8.13 14.56
N CYS A 192 14.73 9.05 14.86
CA CYS A 192 15.03 10.50 14.79
C CYS A 192 15.52 11.01 16.15
N GLY A 193 15.62 10.11 17.13
CA GLY A 193 16.14 10.49 18.46
C GLY A 193 15.06 10.72 19.51
N GLY A 194 13.81 10.40 19.20
CA GLY A 194 12.77 10.52 20.23
C GLY A 194 11.76 11.63 20.03
N THR A 195 10.74 11.65 20.91
CA THR A 195 9.65 12.58 20.76
C THR A 195 10.07 14.04 20.91
N THR A 196 10.88 14.37 21.93
CA THR A 196 11.32 15.76 22.09
C THR A 196 12.11 16.26 20.89
N ARG A 197 13.07 15.49 20.43
CA ARG A 197 13.94 15.88 19.33
C ARG A 197 13.08 16.13 18.08
N ILE A 198 12.11 15.25 17.83
CA ILE A 198 11.38 15.33 16.58
C ILE A 198 10.40 16.53 16.49
N ILE A 199 9.80 16.95 17.61
CA ILE A 199 8.80 18.04 17.65
C ILE A 199 9.41 19.42 17.96
N SER A 200 10.69 19.49 18.28
CA SER A 200 11.26 20.74 18.76
C SER A 200 11.78 21.60 17.63
N THR A 201 11.69 22.91 17.85
CA THR A 201 12.29 23.85 16.93
C THR A 201 13.70 24.02 17.49
N THR A 202 13.86 24.84 18.54
CA THR A 202 15.11 24.92 19.28
C THR A 202 15.47 23.55 19.82
N ASN A 203 16.70 23.10 19.57
CA ASN A 203 17.20 21.75 19.95
C ASN A 203 16.55 20.57 19.23
N GLY A 204 15.90 20.79 18.09
CA GLY A 204 15.22 19.67 17.39
C GLY A 204 15.27 19.79 15.88
N GLY A 205 14.53 18.92 15.21
CA GLY A 205 14.46 18.90 13.75
C GLY A 205 14.13 20.17 12.97
N GLN A 206 13.35 21.09 13.54
CA GLN A 206 12.93 22.34 12.82
C GLN A 206 13.74 23.60 13.23
N GLU A 207 14.92 23.38 13.79
CA GLU A 207 15.72 24.53 14.29
C GLU A 207 16.19 25.53 13.23
N ARG A 208 16.54 25.02 12.07
CA ARG A 208 17.25 25.82 11.07
C ARG A 208 16.72 25.52 9.68
N LYS A 209 16.99 26.45 8.75
CA LYS A 209 16.82 26.28 7.31
C LYS A 209 18.11 26.78 6.64
N PHE A 210 18.30 26.41 5.37
CA PHE A 210 19.46 26.87 4.58
C PHE A 210 19.21 28.22 3.94
N VAL A 211 20.17 29.14 4.10
CA VAL A 211 20.11 30.45 3.47
C VAL A 211 20.09 30.19 1.97
N GLY A 212 19.04 30.65 1.30
CA GLY A 212 18.91 30.51 -0.16
C GLY A 212 18.11 29.27 -0.63
N GLY A 213 17.79 28.39 0.30
CA GLY A 213 16.96 27.21 0.02
C GLY A 213 17.70 25.87 0.04
N SER A 214 16.99 24.80 0.40
CA SER A 214 17.59 23.45 0.38
C SER A 214 17.87 22.90 -1.04
N GLY A 215 17.15 23.39 -2.04
CA GLY A 215 17.34 22.93 -3.43
C GLY A 215 18.75 23.18 -3.96
N GLN A 216 19.45 24.16 -3.36
CA GLN A 216 20.89 24.36 -3.61
C GLN A 216 21.80 23.15 -3.38
N VAL A 217 21.47 22.29 -2.42
CA VAL A 217 22.30 21.10 -2.18
C VAL A 217 22.41 20.26 -3.47
N SER A 218 21.26 19.94 -4.06
CA SER A 218 21.21 19.15 -5.28
C SER A 218 21.76 19.92 -6.49
N GLU A 219 21.45 21.20 -6.62
CA GLU A 219 21.96 22.01 -7.74
C GLU A 219 23.49 22.13 -7.74
N ARG A 220 24.07 22.35 -6.54
CA ARG A 220 25.50 22.49 -6.39
C ARG A 220 26.24 21.21 -6.69
N ILE A 221 25.69 20.08 -6.28
CA ILE A 221 26.31 18.82 -6.69
C ILE A 221 26.20 18.62 -8.21
N MET A 222 25.07 19.00 -8.80
CA MET A 222 24.91 18.95 -10.26
C MET A 222 26.01 19.78 -10.95
N ASP A 223 26.31 20.96 -10.40
CA ASP A 223 27.42 21.80 -10.86
C ASP A 223 28.77 21.07 -10.90
N LEU A 224 29.12 20.38 -9.79
CA LEU A 224 30.33 19.58 -9.68
C LEU A 224 30.39 18.39 -10.64
N LEU A 225 29.23 17.79 -10.93
CA LEU A 225 29.19 16.60 -11.77
C LEU A 225 29.09 16.97 -13.25
N GLY A 226 28.70 18.23 -13.51
CA GLY A 226 28.50 18.69 -14.88
C GLY A 226 27.52 17.87 -15.70
N ASP A 227 27.98 17.45 -16.89
CA ASP A 227 27.06 16.81 -17.83
C ASP A 227 26.81 15.32 -17.56
N ARG A 228 27.34 14.80 -16.46
CA ARG A 228 27.06 13.45 -15.95
C ARG A 228 25.63 13.33 -15.40
N VAL A 229 25.02 14.47 -15.09
CA VAL A 229 23.60 14.53 -14.70
C VAL A 229 22.72 14.71 -15.95
N LYS A 230 21.83 13.74 -16.19
CA LYS A 230 20.97 13.75 -17.36
C LYS A 230 19.53 14.02 -16.96
N LEU A 231 19.03 15.21 -17.30
CA LEU A 231 17.65 15.59 -16.97
C LEU A 231 16.67 15.05 -18.01
N GLU A 232 15.42 14.88 -17.59
CA GLU A 232 14.36 14.27 -18.41
C GLU A 232 14.75 12.94 -18.99
N ARG A 233 15.40 12.11 -18.15
CA ARG A 233 15.66 10.71 -18.44
C ARG A 233 14.99 9.82 -17.42
N PRO A 234 13.64 9.67 -17.51
CA PRO A 234 12.97 8.73 -16.62
C PRO A 234 13.38 7.31 -17.01
N VAL A 235 13.82 6.54 -16.01
CA VAL A 235 14.22 5.15 -16.22
C VAL A 235 12.98 4.26 -16.34
N ILE A 236 13.00 3.43 -17.38
CA ILE A 236 11.87 2.52 -17.64
C ILE A 236 12.22 1.05 -17.53
N TYR A 237 13.52 0.72 -17.51
CA TYR A 237 13.92 -0.65 -17.76
C TYR A 237 15.35 -0.90 -17.28
N ILE A 238 15.50 -1.95 -16.48
CA ILE A 238 16.83 -2.37 -15.99
C ILE A 238 16.98 -3.85 -16.30
N ASP A 239 18.03 -4.17 -17.06
CA ASP A 239 18.30 -5.53 -17.50
C ASP A 239 19.64 -5.96 -16.89
N GLN A 240 19.59 -6.99 -16.04
CA GLN A 240 20.78 -7.54 -15.37
C GLN A 240 21.16 -8.96 -15.85
N THR A 241 20.65 -9.38 -17.01
CA THR A 241 20.93 -10.72 -17.53
C THR A 241 22.32 -10.88 -18.19
N ARG A 242 22.99 -9.77 -18.48
CA ARG A 242 24.30 -9.84 -19.15
C ARG A 242 25.43 -9.39 -18.24
N GLU A 243 26.66 -9.30 -18.77
CA GLU A 243 27.85 -9.03 -17.96
C GLU A 243 27.82 -7.66 -17.29
N ASN A 244 27.37 -6.65 -18.05
CA ASN A 244 27.13 -5.31 -17.56
C ASN A 244 25.62 -5.03 -17.50
N VAL A 245 25.20 -4.26 -16.50
CA VAL A 245 23.80 -3.82 -16.39
C VAL A 245 23.44 -2.80 -17.47
N LEU A 246 22.23 -2.96 -18.02
CA LEU A 246 21.67 -2.04 -19.01
C LEU A 246 20.53 -1.26 -18.40
N VAL A 247 20.62 0.06 -18.45
CA VAL A 247 19.56 0.91 -17.97
C VAL A 247 18.97 1.76 -19.12
N GLU A 248 17.70 1.56 -19.40
CA GLU A 248 17.03 2.28 -20.47
C GLU A 248 16.07 3.37 -20.00
N THR A 249 16.05 4.47 -20.75
CA THR A 249 15.22 5.62 -20.43
C THR A 249 14.03 5.81 -21.36
N LEU A 250 13.07 6.62 -20.90
CA LEU A 250 11.83 6.86 -21.63
C LEU A 250 12.06 7.54 -23.00
N ASN A 251 13.03 8.45 -23.04
CA ASN A 251 13.36 9.17 -24.27
C ASN A 251 14.35 8.38 -25.11
N HIS A 252 14.34 7.05 -24.93
CA HIS A 252 14.96 6.07 -25.82
C HIS A 252 16.47 5.78 -25.70
N GLU A 253 17.15 6.38 -24.71
CA GLU A 253 18.59 6.18 -24.53
C GLU A 253 18.89 4.93 -23.72
N MET A 254 20.07 4.35 -23.93
CA MET A 254 20.54 3.17 -23.19
C MET A 254 21.82 3.49 -22.47
N TYR A 255 21.92 3.04 -21.22
CA TYR A 255 23.14 3.23 -20.44
C TYR A 255 23.66 1.87 -19.94
N GLU A 256 24.98 1.68 -20.02
CA GLU A 256 25.60 0.44 -19.57
C GLU A 256 26.50 0.75 -18.37
N ALA A 257 26.44 -0.09 -17.32
CA ALA A 257 27.13 0.15 -16.04
C ALA A 257 27.56 -1.14 -15.35
N LYS A 258 28.51 -1.07 -14.41
CA LYS A 258 28.82 -2.24 -13.58
C LYS A 258 27.76 -2.42 -12.46
N TYR A 259 27.27 -1.30 -11.93
CA TYR A 259 26.30 -1.30 -10.82
C TYR A 259 25.29 -0.19 -10.99
N VAL A 260 24.16 -0.36 -10.30
CA VAL A 260 23.11 0.63 -10.29
C VAL A 260 22.75 0.98 -8.82
N ILE A 261 22.64 2.27 -8.50
CA ILE A 261 22.00 2.72 -7.29
C ILE A 261 20.55 3.22 -7.62
N SER A 262 19.58 2.59 -7.00
CA SER A 262 18.20 3.08 -7.03
C SER A 262 17.99 4.07 -5.87
N ALA A 263 17.95 5.36 -6.17
CA ALA A 263 17.79 6.41 -5.15
C ALA A 263 16.41 7.13 -5.29
N ILE A 264 15.36 6.33 -5.46
CA ILE A 264 13.99 6.80 -5.66
C ILE A 264 13.09 6.25 -4.52
N PRO A 265 11.94 6.90 -4.20
CA PRO A 265 11.10 6.31 -3.14
C PRO A 265 10.83 4.80 -3.46
N PRO A 266 10.81 3.90 -2.44
CA PRO A 266 10.63 2.47 -2.79
C PRO A 266 9.50 2.14 -3.77
N THR A 267 8.28 2.68 -3.58
CA THR A 267 7.17 2.40 -4.51
C THR A 267 7.40 2.84 -5.98
N LEU A 268 8.17 3.93 -6.20
CA LEU A 268 8.48 4.37 -7.58
C LEU A 268 9.34 3.38 -8.38
N GLY A 269 9.99 2.43 -7.67
CA GLY A 269 10.54 1.23 -8.26
C GLY A 269 9.58 0.48 -9.22
N MET A 270 8.28 0.55 -8.95
CA MET A 270 7.24 0.01 -9.83
C MET A 270 7.27 0.59 -11.24
N LYS A 271 7.79 1.82 -11.40
CA LYS A 271 7.80 2.48 -12.72
C LYS A 271 8.86 1.91 -13.67
N ILE A 272 9.66 0.98 -13.15
CA ILE A 272 10.74 0.33 -13.87
C ILE A 272 10.36 -1.14 -14.14
N HIS A 273 10.54 -1.60 -15.37
CA HIS A 273 10.33 -3.01 -15.70
C HIS A 273 11.66 -3.73 -15.51
N PHE A 274 11.65 -4.84 -14.76
CA PHE A 274 12.91 -5.54 -14.40
C PHE A 274 13.09 -6.83 -15.19
N ASN A 275 14.31 -7.04 -15.66
CA ASN A 275 14.74 -8.30 -16.27
C ASN A 275 16.08 -8.69 -15.63
N PRO A 276 16.13 -9.84 -14.93
CA PRO A 276 15.05 -10.74 -14.61
C PRO A 276 14.09 -10.06 -13.60
N PRO A 277 12.89 -10.62 -13.42
CA PRO A 277 11.93 -9.98 -12.50
C PRO A 277 12.52 -9.84 -11.08
N LEU A 278 12.08 -8.85 -10.28
CA LEU A 278 12.55 -8.74 -8.86
C LEU A 278 12.25 -10.04 -8.08
N PRO A 279 13.05 -10.34 -7.01
CA PRO A 279 12.64 -11.51 -6.20
C PRO A 279 11.28 -11.22 -5.58
N MET A 280 10.51 -12.25 -5.23
CA MET A 280 9.15 -12.11 -4.67
C MET A 280 8.94 -11.09 -3.55
N MET A 281 9.82 -11.10 -2.53
CA MET A 281 9.65 -10.23 -1.40
C MET A 281 9.70 -8.75 -1.85
N ARG A 282 10.69 -8.41 -2.68
CA ARG A 282 10.78 -7.04 -3.20
C ARG A 282 9.63 -6.69 -4.16
N ASN A 283 9.28 -7.61 -5.08
CA ASN A 283 8.18 -7.44 -6.04
C ASN A 283 6.90 -7.01 -5.31
N GLN A 284 6.54 -7.73 -4.24
CA GLN A 284 5.40 -7.32 -3.41
C GLN A 284 5.61 -6.12 -2.46
N MET A 285 6.77 -6.02 -1.82
CA MET A 285 7.06 -4.86 -0.94
C MET A 285 6.76 -3.50 -1.59
N ILE A 286 7.19 -3.32 -2.86
CA ILE A 286 7.06 -2.04 -3.60
C ILE A 286 5.63 -1.61 -3.91
N THR A 287 4.67 -2.52 -3.72
CA THR A 287 3.23 -2.24 -3.89
C THR A 287 2.54 -1.98 -2.56
N ARG A 288 3.33 -2.03 -1.46
CA ARG A 288 2.79 -1.97 -0.07
C ARG A 288 3.24 -0.77 0.73
N VAL A 289 3.92 0.16 0.08
CA VAL A 289 4.59 1.22 0.81
C VAL A 289 4.29 2.61 0.21
N PRO A 290 3.10 3.20 0.53
CA PRO A 290 2.71 4.52 -0.03
C PRO A 290 3.41 5.67 0.67
N LEU A 291 3.32 6.87 0.07
CA LEU A 291 3.83 8.09 0.71
C LEU A 291 2.65 8.87 1.25
N GLY A 292 2.91 9.72 2.25
CA GLY A 292 1.85 10.54 2.85
C GLY A 292 1.34 11.65 1.94
N SER A 293 0.42 12.44 2.46
CA SER A 293 -0.30 13.45 1.70
C SER A 293 -0.15 14.79 2.44
N VAL A 294 0.34 15.77 1.70
CA VAL A 294 0.55 17.10 2.28
C VAL A 294 0.52 18.21 1.23
N ILE A 295 -0.06 19.37 1.60
CA ILE A 295 0.12 20.58 0.83
C ILE A 295 0.90 21.57 1.68
N LYS A 296 2.03 22.03 1.17
CA LYS A 296 2.81 23.03 1.90
C LYS A 296 2.44 24.40 1.37
N CYS A 297 2.02 25.28 2.28
CA CYS A 297 1.40 26.56 1.91
C CYS A 297 2.12 27.71 2.59
N ILE A 298 2.42 28.77 1.85
CA ILE A 298 3.15 29.92 2.42
C ILE A 298 2.40 31.21 2.08
N VAL A 299 1.95 31.91 3.13
CA VAL A 299 1.20 33.14 2.95
C VAL A 299 2.13 34.26 3.35
N TYR A 300 2.28 35.25 2.49
CA TYR A 300 3.15 36.41 2.74
C TYR A 300 2.39 37.64 3.16
N TYR A 301 3.06 38.45 3.98
CA TYR A 301 2.51 39.64 4.58
C TYR A 301 3.50 40.78 4.49
N LYS A 302 3.02 41.99 4.68
CA LYS A 302 3.86 43.21 4.64
C LYS A 302 4.91 43.21 5.77
N GLU A 303 4.52 42.75 6.97
CA GLU A 303 5.44 42.64 8.09
C GLU A 303 5.12 41.40 8.94
N PRO A 304 6.10 40.92 9.75
CA PRO A 304 5.81 39.79 10.65
C PRO A 304 5.05 40.25 11.89
N PHE A 305 3.79 40.63 11.67
CA PHE A 305 2.97 41.34 12.65
C PHE A 305 2.73 40.52 13.95
N TRP A 306 2.74 39.19 13.85
CA TRP A 306 2.62 38.32 15.01
C TRP A 306 3.68 38.55 16.10
N ARG A 307 4.91 38.83 15.68
CA ARG A 307 5.99 39.08 16.63
C ARG A 307 5.68 40.27 17.55
N LYS A 308 4.97 41.29 17.02
CA LYS A 308 4.49 42.45 17.81
C LYS A 308 3.54 42.09 18.97
N LYS A 309 2.76 41.01 18.82
CA LYS A 309 1.91 40.52 19.92
C LYS A 309 2.63 39.44 20.73
N ASP A 310 3.94 39.29 20.50
CA ASP A 310 4.77 38.34 21.24
C ASP A 310 4.37 36.90 20.90
N TYR A 311 4.09 36.65 19.62
CA TYR A 311 3.92 35.30 19.09
C TYR A 311 5.05 35.02 18.10
N CYS A 312 5.72 33.88 18.20
CA CYS A 312 6.82 33.63 17.26
C CYS A 312 6.36 33.22 15.85
N GLY A 313 5.09 32.82 15.72
CA GLY A 313 4.56 32.36 14.44
C GLY A 313 4.26 30.86 14.45
N THR A 314 4.71 30.16 15.49
CA THR A 314 4.39 28.73 15.68
C THR A 314 2.98 28.57 16.23
N MET A 315 2.16 27.78 15.53
CA MET A 315 0.79 27.54 15.94
C MET A 315 0.58 26.05 15.78
N ILE A 316 0.05 25.45 16.84
CA ILE A 316 -0.34 24.04 16.86
C ILE A 316 -1.86 24.06 16.96
N ILE A 317 -2.54 23.66 15.88
CA ILE A 317 -3.97 23.99 15.75
C ILE A 317 -4.78 22.71 15.65
N ASP A 318 -5.51 22.42 16.71
CA ASP A 318 -6.29 21.23 16.75
C ASP A 318 -7.72 21.54 16.36
N GLY A 319 -8.27 20.74 15.45
CA GLY A 319 -9.69 20.83 15.08
C GLY A 319 -9.94 20.47 13.61
N GLU A 320 -11.01 19.71 13.35
CA GLU A 320 -11.34 19.28 11.99
C GLU A 320 -11.56 20.46 11.03
N GLU A 321 -12.15 21.54 11.52
CA GLU A 321 -12.40 22.74 10.69
C GLU A 321 -11.13 23.50 10.27
N ALA A 322 -10.05 23.35 11.05
CA ALA A 322 -8.80 24.02 10.74
C ALA A 322 -8.16 23.36 9.49
N PRO A 323 -8.05 24.12 8.37
CA PRO A 323 -7.36 23.49 7.23
C PRO A 323 -5.87 23.13 7.49
N VAL A 324 -5.20 23.94 8.32
CA VAL A 324 -3.79 23.82 8.66
C VAL A 324 -3.62 23.45 10.13
N ALA A 325 -2.85 22.41 10.43
CA ALA A 325 -2.64 21.97 11.85
C ALA A 325 -1.35 22.47 12.52
N TYR A 326 -0.42 22.94 11.71
CA TYR A 326 0.87 23.39 12.19
C TYR A 326 1.48 24.45 11.30
N THR A 327 2.01 25.49 11.93
CA THR A 327 2.69 26.56 11.21
C THR A 327 3.99 26.93 11.85
N LEU A 328 4.88 27.52 11.05
CA LEU A 328 6.12 28.15 11.52
C LEU A 328 6.30 29.48 10.81
N ASP A 329 6.96 30.41 11.49
CA ASP A 329 7.42 31.65 10.89
C ASP A 329 8.38 31.37 9.72
N ASP A 330 8.06 31.85 8.53
CA ASP A 330 8.93 31.63 7.35
C ASP A 330 9.59 32.96 6.85
N THR A 331 9.60 33.97 7.71
CA THR A 331 10.28 35.24 7.43
C THR A 331 11.78 35.03 7.15
N LYS A 332 12.33 35.77 6.20
CA LYS A 332 13.76 35.66 5.86
C LYS A 332 14.61 36.07 7.09
N PRO A 333 15.87 35.62 7.16
CA PRO A 333 16.64 35.97 8.36
C PRO A 333 16.92 37.49 8.47
N GLU A 334 16.82 38.22 7.35
CA GLU A 334 16.99 39.67 7.34
C GLU A 334 15.72 40.40 7.85
N GLY A 335 14.64 39.64 8.01
CA GLY A 335 13.41 40.15 8.62
C GLY A 335 12.39 40.62 7.59
N ASN A 336 12.72 40.50 6.31
CA ASN A 336 11.76 40.84 5.26
C ASN A 336 11.10 39.61 4.62
N TYR A 337 10.23 39.86 3.66
CA TYR A 337 9.38 38.82 3.08
C TYR A 337 8.69 38.06 4.24
N ALA A 338 8.10 38.82 5.19
CA ALA A 338 7.32 38.23 6.27
C ALA A 338 6.38 37.15 5.73
N ALA A 339 6.39 35.97 6.35
CA ALA A 339 5.57 34.85 5.85
C ALA A 339 5.25 33.83 6.94
N ILE A 340 4.10 33.16 6.77
CA ILE A 340 3.73 32.03 7.61
C ILE A 340 3.66 30.78 6.71
N MET A 341 4.46 29.78 7.04
CA MET A 341 4.40 28.44 6.48
C MET A 341 3.44 27.57 7.28
N GLY A 342 2.57 26.89 6.55
CA GLY A 342 1.64 25.92 7.14
C GLY A 342 1.51 24.65 6.31
N PHE A 343 1.21 23.55 7.00
CA PHE A 343 0.93 22.26 6.38
C PHE A 343 -0.54 21.89 6.40
N ILE A 344 -1.06 21.52 5.22
CA ILE A 344 -2.36 20.88 5.11
C ILE A 344 -2.11 19.38 5.02
N LEU A 345 -2.60 18.66 6.04
CA LEU A 345 -2.10 17.29 6.33
C LEU A 345 -3.08 16.18 6.00
N ALA A 346 -2.54 15.09 5.45
CA ALA A 346 -3.27 13.79 5.36
C ALA A 346 -4.64 13.98 4.71
N HIS A 347 -5.74 13.62 5.40
CA HIS A 347 -7.04 13.66 4.70
C HIS A 347 -7.40 15.06 4.26
N LYS A 348 -6.96 16.07 5.01
CA LYS A 348 -7.27 17.45 4.62
C LYS A 348 -6.58 17.89 3.31
N ALA A 349 -5.40 17.34 3.03
CA ALA A 349 -4.73 17.62 1.76
C ALA A 349 -5.60 17.09 0.61
N ARG A 350 -6.17 15.89 0.79
CA ARG A 350 -7.11 15.29 -0.18
C ARG A 350 -8.41 16.09 -0.34
N LYS A 351 -9.04 16.44 0.79
CA LYS A 351 -10.29 17.23 0.82
C LYS A 351 -10.15 18.65 0.23
N LEU A 352 -9.13 19.37 0.65
CA LEU A 352 -8.91 20.76 0.22
C LEU A 352 -8.28 20.92 -1.19
N ALA A 353 -7.68 19.86 -1.73
CA ALA A 353 -7.15 19.90 -3.11
C ALA A 353 -8.21 20.30 -4.17
N ARG A 354 -9.47 20.00 -3.89
CA ARG A 354 -10.66 20.37 -4.68
C ARG A 354 -10.87 21.87 -4.88
N LEU A 355 -10.35 22.69 -3.97
CA LEU A 355 -10.53 24.15 -4.05
C LEU A 355 -9.60 24.83 -5.04
N THR A 356 -9.87 26.09 -5.36
CA THR A 356 -8.84 26.81 -6.12
C THR A 356 -7.75 27.33 -5.15
N LYS A 357 -6.66 27.83 -5.72
CA LYS A 357 -5.57 28.45 -4.97
C LYS A 357 -6.11 29.62 -4.15
N GLU A 358 -6.97 30.43 -4.77
CA GLU A 358 -7.51 31.63 -4.13
C GLU A 358 -8.44 31.29 -2.98
N GLU A 359 -9.23 30.22 -3.13
CA GLU A 359 -10.07 29.67 -2.08
C GLU A 359 -9.27 29.13 -0.91
N ARG A 360 -8.15 28.44 -1.17
CA ARG A 360 -7.28 27.99 -0.07
C ARG A 360 -6.63 29.17 0.66
N LEU A 361 -6.14 30.15 -0.09
CA LEU A 361 -5.56 31.35 0.55
C LEU A 361 -6.54 31.96 1.53
N LYS A 362 -7.78 32.09 1.08
CA LYS A 362 -8.81 32.68 1.88
C LYS A 362 -9.04 31.92 3.18
N LYS A 363 -9.18 30.58 3.12
CA LYS A 363 -9.36 29.77 4.34
C LYS A 363 -8.20 29.89 5.31
N LEU A 364 -6.96 29.89 4.79
CA LEU A 364 -5.77 30.01 5.63
C LEU A 364 -5.75 31.34 6.36
N CYS A 365 -6.01 32.44 5.64
CA CYS A 365 -5.99 33.77 6.27
C CYS A 365 -7.04 33.88 7.37
N GLU A 366 -8.23 33.33 7.14
CA GLU A 366 -9.30 33.37 8.14
C GLU A 366 -8.96 32.60 9.41
N LEU A 367 -8.32 31.44 9.23
CA LEU A 367 -7.80 30.64 10.33
C LEU A 367 -6.72 31.39 11.16
N TYR A 368 -5.74 31.95 10.46
CA TYR A 368 -4.65 32.71 11.09
C TYR A 368 -5.12 33.95 11.83
N ALA A 369 -6.10 34.66 11.25
CA ALA A 369 -6.72 35.81 11.92
C ALA A 369 -7.33 35.39 13.26
N LYS A 370 -8.06 34.29 13.27
CA LYS A 370 -8.64 33.75 14.50
C LYS A 370 -7.58 33.28 15.52
N VAL A 371 -6.61 32.49 15.06
CA VAL A 371 -5.62 31.92 15.98
C VAL A 371 -4.74 33.03 16.60
N LEU A 372 -4.33 33.98 15.77
CA LEU A 372 -3.44 35.09 16.18
C LEU A 372 -4.23 36.28 16.76
N GLY A 373 -5.56 36.20 16.72
CA GLY A 373 -6.47 37.26 17.13
C GLY A 373 -6.08 38.55 16.44
N SER A 374 -5.86 38.49 15.13
CA SER A 374 -5.31 39.62 14.38
C SER A 374 -5.98 39.82 13.02
N LEU A 375 -6.66 40.96 12.81
CA LEU A 375 -7.21 41.29 11.48
C LEU A 375 -6.12 41.47 10.41
N GLU A 376 -4.87 41.77 10.80
CA GLU A 376 -3.78 41.89 9.80
C GLU A 376 -3.57 40.61 8.97
N ALA A 377 -3.88 39.46 9.56
CA ALA A 377 -3.77 38.18 8.88
C ALA A 377 -4.69 38.06 7.67
N LEU A 378 -5.68 38.94 7.55
CA LEU A 378 -6.60 38.90 6.38
C LEU A 378 -6.08 39.72 5.21
N GLU A 379 -4.85 40.26 5.35
CA GLU A 379 -4.21 41.02 4.28
C GLU A 379 -2.92 40.46 3.69
N PRO A 380 -3.01 39.26 3.09
CA PRO A 380 -1.82 38.73 2.43
C PRO A 380 -1.34 39.61 1.27
N VAL A 381 -0.03 39.61 1.04
CA VAL A 381 0.52 40.31 -0.15
C VAL A 381 0.87 39.33 -1.25
N HIS A 382 1.00 38.05 -0.89
CA HIS A 382 1.43 37.01 -1.80
C HIS A 382 1.10 35.63 -1.20
N TYR A 383 1.09 34.62 -2.07
CA TYR A 383 0.81 33.23 -1.68
C TYR A 383 1.54 32.28 -2.61
N GLU A 384 2.22 31.30 -2.02
CA GLU A 384 2.78 30.17 -2.76
C GLU A 384 2.36 28.87 -2.09
N GLU A 385 2.18 27.82 -2.89
CA GLU A 385 1.78 26.52 -2.35
C GLU A 385 2.26 25.41 -3.25
N LYS A 386 2.32 24.21 -2.67
CA LYS A 386 2.61 23.03 -3.47
C LYS A 386 1.96 21.78 -2.87
N ASN A 387 1.12 21.13 -3.67
CA ASN A 387 0.49 19.83 -3.36
C ASN A 387 1.36 18.69 -3.86
N TRP A 388 2.05 17.99 -2.94
CA TRP A 388 3.00 16.93 -3.30
C TRP A 388 2.32 15.59 -3.73
N CYS A 389 1.02 15.43 -3.41
CA CYS A 389 0.17 14.30 -3.88
C CYS A 389 0.05 14.19 -5.40
N GLU A 390 0.20 15.32 -6.10
CA GLU A 390 0.07 15.33 -7.58
C GLU A 390 1.36 14.94 -8.36
N GLU A 391 2.46 14.79 -7.65
CA GLU A 391 3.76 14.49 -8.29
C GLU A 391 3.95 13.05 -8.71
N GLN A 392 3.92 12.81 -10.03
CA GLN A 392 4.21 11.49 -10.60
C GLN A 392 5.55 10.89 -10.15
N TYR A 393 6.59 11.74 -10.00
CA TYR A 393 7.91 11.23 -9.70
C TYR A 393 8.33 11.38 -8.22
N SER A 394 7.33 11.68 -7.37
CA SER A 394 7.49 11.64 -5.91
C SER A 394 6.49 10.65 -5.24
N GLY A 395 5.21 10.84 -5.57
CA GLY A 395 4.09 10.02 -5.07
C GLY A 395 3.47 10.58 -3.80
N GLY A 396 4.11 11.59 -3.19
CA GLY A 396 3.66 12.18 -1.96
C GLY A 396 4.82 12.81 -1.20
N CYS A 397 4.55 13.17 0.05
CA CYS A 397 5.54 13.75 0.97
C CYS A 397 5.06 13.61 2.43
N TYR A 398 5.94 13.71 3.45
CA TYR A 398 7.41 13.79 3.30
C TYR A 398 8.03 12.51 2.85
N THR A 399 7.42 11.38 3.22
CA THR A 399 8.10 10.07 3.08
C THR A 399 7.14 8.88 3.01
N THR A 400 7.74 7.70 2.89
CA THR A 400 7.04 6.43 2.83
C THR A 400 6.56 6.03 4.24
N TYR A 401 5.27 5.70 4.39
CA TYR A 401 4.78 5.11 5.65
C TYR A 401 4.48 3.58 5.45
N PHE A 402 4.46 2.83 6.56
CA PHE A 402 4.15 1.38 6.50
C PHE A 402 2.78 1.09 7.12
N PRO A 403 1.84 0.55 6.33
CA PRO A 403 0.56 0.15 6.91
C PRO A 403 0.78 -1.06 7.82
N PRO A 404 -0.23 -1.40 8.64
CA PRO A 404 -0.11 -2.53 9.56
C PRO A 404 0.30 -3.83 8.90
N GLY A 405 1.27 -4.51 9.52
CA GLY A 405 1.65 -5.84 9.06
C GLY A 405 2.77 -5.84 8.04
N ILE A 406 3.16 -4.68 7.51
CA ILE A 406 4.11 -4.67 6.39
C ILE A 406 5.58 -4.72 6.82
N LEU A 407 5.96 -3.97 7.87
CA LEU A 407 7.38 -3.85 8.25
C LEU A 407 8.00 -5.16 8.75
N THR A 408 7.24 -5.93 9.50
CA THR A 408 7.74 -7.22 10.00
C THR A 408 7.84 -8.24 8.87
N GLN A 409 6.90 -8.20 7.92
CA GLN A 409 6.90 -9.15 6.80
C GLN A 409 7.90 -8.85 5.67
N TYR A 410 8.08 -7.57 5.33
CA TYR A 410 8.85 -7.11 4.13
C TYR A 410 10.02 -6.18 4.44
N GLY A 411 10.04 -5.60 5.63
CA GLY A 411 11.01 -4.55 6.01
C GLY A 411 12.45 -5.00 5.81
N ARG A 412 12.73 -6.28 6.02
CA ARG A 412 14.10 -6.74 5.84
C ARG A 412 14.67 -6.66 4.39
N VAL A 413 13.82 -6.53 3.35
CA VAL A 413 14.34 -6.39 2.01
C VAL A 413 14.52 -4.93 1.53
N LEU A 414 14.05 -3.96 2.31
CA LEU A 414 14.15 -2.53 1.89
C LEU A 414 15.50 -2.15 1.31
N ARG A 415 16.57 -2.41 2.05
CA ARG A 415 17.90 -2.10 1.54
C ARG A 415 18.78 -3.30 1.15
N GLN A 416 18.17 -4.47 1.01
CA GLN A 416 18.83 -5.65 0.49
C GLN A 416 19.19 -5.52 -1.03
N PRO A 417 20.49 -5.66 -1.39
CA PRO A 417 20.86 -5.58 -2.82
C PRO A 417 20.17 -6.66 -3.69
N VAL A 418 19.80 -6.28 -4.91
CA VAL A 418 19.25 -7.20 -5.90
C VAL A 418 20.27 -7.39 -7.04
N ASP A 419 21.11 -8.41 -6.90
CA ASP A 419 22.27 -8.68 -7.79
C ASP A 419 23.18 -7.44 -7.76
N ARG A 420 23.12 -6.59 -8.78
CA ARG A 420 23.99 -5.42 -8.91
C ARG A 420 23.27 -4.08 -8.72
N ILE A 421 22.01 -4.14 -8.30
CA ILE A 421 21.27 -2.96 -7.87
C ILE A 421 21.38 -2.78 -6.34
N TYR A 422 21.81 -1.60 -5.92
CA TYR A 422 21.90 -1.20 -4.54
C TYR A 422 20.89 -0.08 -4.26
N PHE A 423 20.42 -0.02 -3.01
CA PHE A 423 19.28 0.80 -2.66
C PHE A 423 19.62 1.97 -1.71
N ALA A 424 19.43 3.17 -2.22
CA ALA A 424 19.63 4.40 -1.45
C ALA A 424 18.25 4.99 -1.22
N GLY A 425 18.19 6.33 -1.10
CA GLY A 425 16.95 7.06 -0.77
C GLY A 425 16.71 7.09 0.73
N THR A 426 16.06 8.15 1.20
CA THR A 426 15.92 8.39 2.64
C THR A 426 15.19 7.25 3.38
N GLU A 427 14.32 6.53 2.65
CA GLU A 427 13.54 5.45 3.22
C GLU A 427 14.37 4.32 3.78
N THR A 428 15.62 4.23 3.30
CA THR A 428 16.53 3.14 3.66
C THR A 428 17.53 3.54 4.77
N ALA A 429 17.47 4.78 5.21
CA ALA A 429 18.32 5.24 6.32
C ALA A 429 17.89 4.68 7.71
N THR A 430 18.85 4.70 8.63
CA THR A 430 18.66 4.22 10.02
C THR A 430 18.72 5.36 11.04
N HIS A 431 19.03 6.56 10.59
CA HIS A 431 19.05 7.74 11.49
C HIS A 431 18.45 8.91 10.69
N TRP A 432 17.33 9.47 11.17
CA TRP A 432 16.53 10.45 10.39
C TRP A 432 16.07 10.01 8.97
N SER A 433 15.75 8.74 8.86
CA SER A 433 15.00 8.23 7.73
C SER A 433 13.75 9.10 7.54
N GLY A 434 13.46 9.49 6.29
CA GLY A 434 12.32 10.37 5.99
C GLY A 434 12.76 11.82 5.76
N TYR A 435 14.00 12.13 6.13
CA TYR A 435 14.55 13.51 6.07
C TYR A 435 15.66 13.67 5.03
N MET A 436 16.00 14.91 4.68
CA MET A 436 17.25 15.19 3.95
C MET A 436 18.46 14.51 4.62
N GLU A 437 18.55 14.53 5.95
CA GLU A 437 19.61 13.81 6.69
C GLU A 437 19.70 12.31 6.32
N GLY A 438 18.56 11.62 6.34
CA GLY A 438 18.53 10.20 5.96
C GLY A 438 18.90 9.97 4.48
N ALA A 439 18.49 10.91 3.60
CA ALA A 439 18.90 10.83 2.17
C ALA A 439 20.41 10.78 2.02
N VAL A 440 21.11 11.61 2.78
CA VAL A 440 22.57 11.66 2.72
C VAL A 440 23.13 10.33 3.25
N GLU A 441 22.69 9.89 4.44
CA GLU A 441 23.15 8.63 5.05
C GLU A 441 23.05 7.44 4.06
N ALA A 442 21.85 7.26 3.49
CA ALA A 442 21.51 6.17 2.54
C ALA A 442 22.29 6.26 1.22
N GLY A 443 22.46 7.48 0.68
CA GLY A 443 23.16 7.66 -0.57
C GLY A 443 24.61 7.28 -0.39
N GLU A 444 25.22 7.74 0.69
CA GLU A 444 26.61 7.50 0.92
C GLU A 444 26.89 6.04 1.34
N ARG A 445 25.98 5.44 2.11
CA ARG A 445 26.11 4.01 2.46
C ARG A 445 26.03 3.08 1.22
N ALA A 446 25.07 3.35 0.33
CA ALA A 446 24.89 2.58 -0.93
C ALA A 446 26.12 2.76 -1.88
N ALA A 447 26.66 3.98 -1.99
CA ALA A 447 27.90 4.16 -2.80
C ALA A 447 29.02 3.32 -2.20
N ARG A 448 29.13 3.28 -0.88
CA ARG A 448 30.16 2.47 -0.22
C ARG A 448 29.95 0.96 -0.33
N GLU A 449 28.71 0.50 -0.27
CA GLU A 449 28.45 -0.89 -0.59
C GLU A 449 29.03 -1.29 -1.97
N ILE A 450 28.90 -0.39 -2.95
CA ILE A 450 29.49 -0.58 -4.29
C ILE A 450 31.03 -0.53 -4.28
N LEU A 451 31.61 0.41 -3.51
CA LEU A 451 33.06 0.45 -3.33
C LEU A 451 33.61 -0.84 -2.70
N HIS A 452 32.89 -1.40 -1.74
CA HIS A 452 33.28 -2.67 -1.11
C HIS A 452 33.19 -3.85 -2.08
N ALA A 453 32.11 -3.89 -2.87
CA ALA A 453 31.93 -4.90 -3.93
C ALA A 453 33.01 -4.85 -5.01
N MET A 454 33.53 -3.66 -5.30
CA MET A 454 34.61 -3.46 -6.26
C MET A 454 35.99 -3.79 -5.69
N GLY A 455 36.02 -3.96 -4.38
CA GLY A 455 37.19 -4.33 -3.63
C GLY A 455 38.00 -3.13 -3.22
N LYS A 456 37.38 -1.95 -3.26
CA LYS A 456 38.07 -0.69 -3.01
C LYS A 456 38.14 -0.30 -1.54
N ILE A 457 37.14 -0.68 -0.75
CA ILE A 457 37.17 -0.46 0.69
C ILE A 457 36.91 -1.77 1.43
N PRO A 458 37.35 -1.88 2.71
CA PRO A 458 36.96 -3.06 3.50
C PRO A 458 35.49 -2.98 4.00
N GLU A 459 34.95 -4.13 4.40
CA GLU A 459 33.56 -4.25 4.86
C GLU A 459 33.20 -3.33 6.04
N ASP A 460 34.15 -3.10 6.94
CA ASP A 460 33.91 -2.22 8.09
C ASP A 460 33.79 -0.74 7.77
N GLU A 461 34.05 -0.34 6.53
CA GLU A 461 33.92 1.06 6.14
C GLU A 461 32.63 1.40 5.39
N ILE A 462 31.78 0.40 5.20
CA ILE A 462 30.47 0.56 4.53
C ILE A 462 29.58 1.52 5.34
N TRP A 463 29.51 1.29 6.66
CA TRP A 463 28.73 2.13 7.59
C TRP A 463 29.69 3.00 8.39
N GLN A 464 29.59 4.31 8.23
CA GLN A 464 30.55 5.23 8.83
C GLN A 464 29.87 6.23 9.72
N SER A 465 30.39 6.39 10.95
CA SER A 465 29.93 7.43 11.87
C SER A 465 30.22 8.80 11.29
N GLU A 466 29.47 9.78 11.77
CA GLU A 466 29.66 11.17 11.37
C GLU A 466 30.04 11.98 12.62
N PRO A 467 31.13 12.79 12.53
CA PRO A 467 31.46 13.70 13.64
C PRO A 467 30.36 14.75 13.88
N GLU A 468 30.12 15.11 15.13
CA GLU A 468 29.14 16.15 15.46
C GLU A 468 29.51 17.49 14.78
N SER A 469 28.50 18.20 14.26
CA SER A 469 28.68 19.54 13.71
C SER A 469 29.20 20.46 14.82
N VAL A 470 30.12 21.36 14.50
CA VAL A 470 30.59 22.40 15.45
C VAL A 470 29.69 23.65 15.36
N ASP A 471 28.96 23.76 14.25
CA ASP A 471 28.06 24.89 14.02
C ASP A 471 26.66 24.70 14.65
N VAL A 472 26.23 23.44 14.76
CA VAL A 472 24.90 23.12 15.27
C VAL A 472 25.03 22.05 16.37
N PRO A 473 25.48 22.46 17.57
CA PRO A 473 25.66 21.50 18.66
C PRO A 473 24.33 20.92 19.16
N ALA A 474 24.37 19.68 19.62
CA ALA A 474 23.17 19.01 20.07
C ALA A 474 23.09 18.99 21.61
N GLN A 475 22.14 19.73 22.16
CA GLN A 475 21.83 19.60 23.59
C GLN A 475 21.21 18.24 23.78
N PRO A 476 21.56 17.56 24.89
CA PRO A 476 21.03 16.21 25.13
C PRO A 476 19.54 16.28 25.47
N ILE A 477 18.82 15.19 25.27
CA ILE A 477 17.42 15.16 25.70
C ILE A 477 17.36 14.75 27.17
N THR A 478 16.70 15.55 27.99
CA THR A 478 16.70 15.29 29.44
C THR A 478 15.28 15.18 29.98
N THR A 479 15.14 14.45 31.09
CA THR A 479 13.86 14.37 31.80
C THR A 479 14.06 14.76 33.26
N THR A 480 13.00 15.23 33.91
CA THR A 480 13.00 15.42 35.38
C THR A 480 12.63 14.12 36.11
N PHE A 481 12.97 14.07 37.40
CA PHE A 481 12.55 12.99 38.31
C PHE A 481 11.04 12.72 38.32
N LEU A 482 10.24 13.78 38.35
CA LEU A 482 8.78 13.62 38.32
C LEU A 482 8.28 13.06 36.99
N GLU A 483 8.83 13.59 35.88
CA GLU A 483 8.51 13.07 34.54
C GLU A 483 8.78 11.58 34.44
N ARG A 484 9.92 11.16 34.96
CA ARG A 484 10.31 9.74 35.04
C ARG A 484 9.40 8.85 35.91
N HIS A 485 9.04 9.31 37.11
CA HIS A 485 8.41 8.41 38.11
C HIS A 485 6.91 8.60 38.41
N LEU A 486 6.32 9.70 37.93
CA LEU A 486 4.87 9.91 38.05
C LEU A 486 4.09 8.77 37.41
N PRO A 487 3.03 8.31 38.09
CA PRO A 487 2.30 7.17 37.52
C PRO A 487 1.47 7.61 36.31
N SER A 488 1.12 6.63 35.48
CA SER A 488 0.08 6.81 34.47
C SER A 488 -1.25 6.93 35.18
N VAL A 489 -2.31 7.20 34.42
CA VAL A 489 -3.67 7.18 34.94
C VAL A 489 -4.03 5.78 35.50
N PRO A 490 -3.91 4.68 34.71
CA PRO A 490 -4.23 3.39 35.32
C PRO A 490 -3.27 2.99 36.46
N GLY A 491 -2.03 3.47 36.43
CA GLY A 491 -1.08 3.32 37.54
C GLY A 491 -1.56 3.96 38.84
N LEU A 492 -2.10 5.17 38.75
CA LEU A 492 -2.72 5.85 39.90
C LEU A 492 -4.00 5.16 40.40
N LEU A 493 -4.81 4.67 39.46
CA LEU A 493 -6.03 3.92 39.79
C LEU A 493 -5.67 2.64 40.55
N ARG A 494 -4.61 1.96 40.11
CA ARG A 494 -4.10 0.76 40.80
C ARG A 494 -3.61 1.07 42.21
N LEU A 495 -2.98 2.24 42.35
CA LEU A 495 -2.48 2.72 43.63
C LEU A 495 -3.63 3.03 44.62
N ILE A 496 -4.70 3.62 44.10
CA ILE A 496 -5.93 3.90 44.87
C ILE A 496 -6.65 2.61 45.33
N GLY A 497 -6.83 1.65 44.42
CA GLY A 497 -7.41 0.35 44.74
C GLY A 497 -6.64 -0.45 45.78
N LEU A 498 -5.36 -0.12 45.94
CA LEU A 498 -4.43 -0.79 46.84
C LEU A 498 -4.47 -0.20 48.26
N THR A 499 -4.59 1.13 48.34
CA THR A 499 -4.74 1.85 49.61
C THR A 499 -6.14 1.63 50.20
N THR A 500 -7.13 1.56 49.31
CA THR A 500 -8.53 1.28 49.64
C THR A 500 -8.79 -0.20 50.03
N ILE A 501 -7.88 -1.10 49.65
CA ILE A 501 -7.94 -2.52 50.02
C ILE A 501 -6.89 -2.89 51.07
N ASN B 3 0.48 0.42 -35.53
CA ASN B 3 0.14 1.89 -35.38
C ASN B 3 -1.38 2.17 -35.11
N LYS B 4 -2.22 2.36 -36.13
CA LYS B 4 -3.52 3.06 -35.92
C LYS B 4 -4.77 2.19 -35.78
N CYS B 5 -5.57 2.46 -34.74
CA CYS B 5 -6.81 1.73 -34.52
C CYS B 5 -7.87 2.58 -33.83
N ASP B 6 -9.03 2.01 -33.52
CA ASP B 6 -10.03 2.73 -32.73
C ASP B 6 -9.76 2.67 -31.19
N VAL B 7 -9.45 1.47 -30.68
CA VAL B 7 -9.20 1.27 -29.24
C VAL B 7 -7.99 0.36 -28.97
N VAL B 8 -7.12 0.80 -28.07
CA VAL B 8 -6.06 -0.05 -27.56
C VAL B 8 -6.51 -0.55 -26.17
N VAL B 9 -6.50 -1.86 -25.97
CA VAL B 9 -6.74 -2.45 -24.63
C VAL B 9 -5.39 -2.85 -24.05
N VAL B 10 -5.06 -2.32 -22.88
CA VAL B 10 -3.84 -2.72 -22.20
C VAL B 10 -4.12 -3.93 -21.26
N GLY B 11 -3.54 -5.08 -21.60
CA GLY B 11 -3.70 -6.34 -20.83
C GLY B 11 -4.65 -7.35 -21.47
N GLY B 12 -4.19 -8.59 -21.54
CA GLY B 12 -4.94 -9.70 -22.13
C GLY B 12 -5.31 -10.81 -21.16
N GLY B 13 -5.66 -10.45 -19.93
CA GLY B 13 -6.36 -11.34 -19.04
C GLY B 13 -7.83 -11.37 -19.47
N ILE B 14 -8.67 -12.04 -18.68
CA ILE B 14 -10.10 -12.18 -19.01
C ILE B 14 -10.81 -10.81 -19.25
N SER B 15 -10.46 -9.81 -18.47
CA SER B 15 -11.14 -8.53 -18.56
C SER B 15 -10.83 -7.80 -19.90
N GLY B 16 -9.55 -7.72 -20.24
CA GLY B 16 -9.06 -7.06 -21.43
C GLY B 16 -9.54 -7.78 -22.70
N MET B 17 -9.53 -9.11 -22.64
CA MET B 17 -10.04 -9.94 -23.75
C MET B 17 -11.55 -9.78 -23.94
N ALA B 18 -12.32 -9.76 -22.82
CA ALA B 18 -13.75 -9.51 -22.88
C ALA B 18 -14.11 -8.16 -23.53
N ALA B 19 -13.43 -7.10 -23.11
CA ALA B 19 -13.61 -5.76 -23.66
C ALA B 19 -13.30 -5.79 -25.16
N ALA B 20 -12.14 -6.34 -25.53
CA ALA B 20 -11.68 -6.36 -26.93
C ALA B 20 -12.66 -7.13 -27.80
N LYS B 21 -13.16 -8.25 -27.30
CA LYS B 21 -14.14 -9.01 -28.03
C LYS B 21 -15.43 -8.23 -28.25
N LEU B 22 -15.93 -7.55 -27.20
CA LEU B 22 -17.16 -6.78 -27.36
C LEU B 22 -16.98 -5.68 -28.47
N LEU B 23 -15.88 -4.92 -28.41
CA LEU B 23 -15.63 -3.82 -29.35
C LEU B 23 -15.40 -4.34 -30.79
N HIS B 24 -14.69 -5.47 -30.91
CA HIS B 24 -14.44 -6.13 -32.21
C HIS B 24 -15.78 -6.51 -32.85
N ASP B 25 -16.63 -7.19 -32.06
CA ASP B 25 -17.94 -7.64 -32.53
C ASP B 25 -18.83 -6.46 -32.99
N SER B 26 -18.57 -5.27 -32.42
CA SER B 26 -19.27 -4.02 -32.80
C SER B 26 -18.74 -3.40 -34.09
N GLY B 27 -17.67 -3.94 -34.63
CA GLY B 27 -17.07 -3.40 -35.85
C GLY B 27 -15.92 -2.41 -35.65
N LEU B 28 -15.52 -2.14 -34.41
CA LEU B 28 -14.34 -1.31 -34.18
C LEU B 28 -13.05 -2.09 -34.39
N ASN B 29 -11.99 -1.36 -34.72
CA ASN B 29 -10.65 -1.93 -34.84
C ASN B 29 -9.91 -1.86 -33.49
N VAL B 30 -9.64 -3.03 -32.90
CA VAL B 30 -9.03 -3.16 -31.57
C VAL B 30 -7.62 -3.74 -31.65
N VAL B 31 -6.75 -3.27 -30.75
CA VAL B 31 -5.48 -3.93 -30.45
C VAL B 31 -5.40 -4.23 -28.93
N VAL B 32 -4.91 -5.42 -28.58
CA VAL B 32 -4.64 -5.81 -27.20
C VAL B 32 -3.13 -5.85 -27.02
N LEU B 33 -2.64 -5.07 -26.06
CA LEU B 33 -1.22 -5.07 -25.72
C LEU B 33 -1.04 -5.85 -24.42
N GLU B 34 -0.33 -6.97 -24.52
CA GLU B 34 -0.13 -7.89 -23.40
C GLU B 34 1.36 -8.00 -23.06
N ALA B 35 1.70 -7.75 -21.79
CA ALA B 35 3.07 -7.75 -21.34
C ALA B 35 3.73 -9.13 -21.41
N ARG B 36 2.97 -10.19 -21.15
CA ARG B 36 3.57 -11.52 -21.06
C ARG B 36 3.64 -12.18 -22.44
N ASP B 37 4.32 -13.32 -22.50
CA ASP B 37 4.39 -14.19 -23.69
C ASP B 37 3.17 -15.11 -23.82
N ARG B 38 2.09 -14.77 -23.09
CA ARG B 38 0.89 -15.57 -23.03
C ARG B 38 -0.26 -14.63 -22.66
N VAL B 39 -1.48 -15.06 -22.93
CA VAL B 39 -2.69 -14.41 -22.45
C VAL B 39 -3.21 -15.12 -21.18
N GLY B 40 -4.23 -14.55 -20.51
CA GLY B 40 -4.80 -15.20 -19.33
C GLY B 40 -4.58 -14.47 -17.97
N GLY B 41 -3.41 -13.88 -17.82
CA GLY B 41 -3.05 -13.08 -16.61
C GLY B 41 -3.04 -13.92 -15.33
N ARG B 42 -4.02 -13.68 -14.47
CA ARG B 42 -4.13 -14.41 -13.20
C ARG B 42 -4.86 -15.75 -13.40
N THR B 43 -5.31 -16.04 -14.63
CA THR B 43 -5.61 -17.40 -15.02
C THR B 43 -4.41 -18.02 -15.79
N TYR B 44 -4.13 -19.28 -15.51
CA TYR B 44 -3.04 -19.97 -16.19
C TYR B 44 -3.27 -21.49 -16.10
N THR B 45 -3.52 -22.13 -17.23
CA THR B 45 -3.69 -23.57 -17.34
C THR B 45 -2.40 -24.19 -17.90
N LEU B 46 -1.72 -24.95 -17.04
CA LEU B 46 -0.51 -25.68 -17.42
C LEU B 46 -0.95 -27.03 -18.02
N ARG B 47 -0.32 -27.46 -19.12
CA ARG B 47 -0.59 -28.81 -19.70
C ARG B 47 0.69 -29.65 -19.73
N ASN B 48 0.55 -30.91 -19.35
CA ASN B 48 1.62 -31.89 -19.43
C ASN B 48 1.00 -33.26 -19.26
N GLN B 49 1.74 -34.28 -19.62
CA GLN B 49 1.16 -35.59 -19.64
C GLN B 49 0.78 -36.11 -18.22
N LYS B 50 1.47 -35.63 -17.20
CA LYS B 50 1.22 -36.13 -15.84
C LYS B 50 -0.10 -35.59 -15.25
N VAL B 51 -0.51 -34.38 -15.65
CA VAL B 51 -1.71 -33.73 -15.08
C VAL B 51 -2.86 -33.64 -16.07
N LYS B 52 -2.56 -33.92 -17.35
CA LYS B 52 -3.39 -33.55 -18.51
C LYS B 52 -3.49 -32.01 -18.61
N TYR B 53 -4.28 -31.38 -17.75
CA TYR B 53 -4.25 -29.92 -17.60
C TYR B 53 -4.48 -29.59 -16.12
N VAL B 54 -3.98 -28.45 -15.64
CA VAL B 54 -4.28 -28.02 -14.30
C VAL B 54 -4.31 -26.50 -14.24
N ASP B 55 -5.32 -25.97 -13.54
CA ASP B 55 -5.42 -24.52 -13.29
C ASP B 55 -4.54 -24.13 -12.12
N LEU B 56 -3.55 -23.28 -12.38
CA LEU B 56 -2.60 -22.82 -11.35
C LEU B 56 -2.95 -21.39 -10.86
N GLY B 57 -3.89 -20.72 -11.54
CA GLY B 57 -4.48 -19.47 -11.06
C GLY B 57 -5.95 -19.68 -10.88
N GLY B 58 -6.75 -18.66 -11.26
CA GLY B 58 -8.21 -18.74 -11.21
C GLY B 58 -8.80 -19.96 -11.92
N SER B 59 -9.75 -20.62 -11.24
CA SER B 59 -10.29 -21.92 -11.63
C SER B 59 -11.81 -22.06 -11.48
N TYR B 60 -12.34 -21.70 -10.31
CA TYR B 60 -13.71 -22.00 -9.91
C TYR B 60 -14.71 -20.98 -10.42
N VAL B 61 -15.88 -21.50 -10.75
CA VAL B 61 -17.04 -20.68 -11.08
C VAL B 61 -18.21 -21.31 -10.41
N GLY B 62 -19.29 -20.54 -10.30
CA GLY B 62 -20.44 -21.04 -9.61
C GLY B 62 -21.69 -20.22 -9.89
N PRO B 63 -22.80 -20.64 -9.29
CA PRO B 63 -24.10 -19.94 -9.49
C PRO B 63 -24.02 -18.43 -9.18
N THR B 64 -24.83 -17.66 -9.90
CA THR B 64 -24.87 -16.16 -9.90
C THR B 64 -23.70 -15.50 -10.65
N GLN B 65 -22.70 -16.27 -11.07
CA GLN B 65 -21.61 -15.75 -11.92
C GLN B 65 -21.98 -15.94 -13.42
N ASN B 66 -23.03 -15.25 -13.83
CA ASN B 66 -23.65 -15.48 -15.15
C ASN B 66 -22.89 -15.01 -16.38
N ARG B 67 -22.07 -13.98 -16.21
CA ARG B 67 -21.36 -13.39 -17.33
C ARG B 67 -20.18 -14.27 -17.73
N ILE B 68 -19.38 -14.73 -16.75
CA ILE B 68 -18.33 -15.67 -17.11
C ILE B 68 -18.90 -16.98 -17.73
N LEU B 69 -20.03 -17.42 -17.22
CA LEU B 69 -20.66 -18.64 -17.71
C LEU B 69 -21.17 -18.48 -19.16
N ARG B 70 -21.78 -17.34 -19.47
CA ARG B 70 -22.23 -17.01 -20.84
C ARG B 70 -21.05 -16.89 -21.84
N LEU B 71 -20.05 -16.10 -21.48
CA LEU B 71 -18.83 -15.95 -22.27
C LEU B 71 -18.15 -17.27 -22.57
N ALA B 72 -18.00 -18.12 -21.55
CA ALA B 72 -17.31 -19.39 -21.75
C ALA B 72 -18.15 -20.31 -22.68
N LYS B 73 -19.45 -20.37 -22.46
CA LYS B 73 -20.37 -21.14 -23.33
C LYS B 73 -20.29 -20.74 -24.81
N GLU B 74 -20.27 -19.43 -25.08
CA GLU B 74 -20.11 -18.89 -26.41
C GLU B 74 -18.79 -19.32 -27.06
N LEU B 75 -17.73 -19.41 -26.25
CA LEU B 75 -16.47 -19.93 -26.72
C LEU B 75 -16.39 -21.48 -26.85
N GLY B 76 -17.47 -22.17 -26.51
CA GLY B 76 -17.49 -23.63 -26.66
C GLY B 76 -16.98 -24.41 -25.45
N LEU B 77 -16.91 -23.76 -24.29
CA LEU B 77 -16.48 -24.42 -23.04
C LEU B 77 -17.65 -25.00 -22.23
N GLU B 78 -17.31 -26.00 -21.42
CA GLU B 78 -18.25 -26.73 -20.56
C GLU B 78 -17.66 -26.75 -19.14
N THR B 79 -18.52 -26.84 -18.13
CA THR B 79 -18.11 -26.96 -16.73
C THR B 79 -18.40 -28.36 -16.19
N TYR B 80 -17.76 -28.70 -15.07
CA TYR B 80 -18.07 -29.89 -14.31
C TYR B 80 -18.01 -29.51 -12.82
N LYS B 81 -18.70 -30.29 -12.01
CA LYS B 81 -18.85 -30.05 -10.59
C LYS B 81 -17.65 -30.50 -9.76
N VAL B 82 -17.14 -29.59 -8.92
CA VAL B 82 -16.15 -29.94 -7.92
C VAL B 82 -16.73 -31.02 -7.00
N ASN B 83 -15.91 -31.99 -6.61
CA ASN B 83 -16.40 -33.12 -5.79
C ASN B 83 -16.80 -32.73 -4.37
N GLU B 84 -18.10 -32.84 -4.06
CA GLU B 84 -18.58 -32.61 -2.69
C GLU B 84 -19.62 -33.67 -2.25
N VAL B 85 -19.45 -34.88 -2.73
CA VAL B 85 -20.42 -35.96 -2.41
C VAL B 85 -20.31 -36.47 -0.96
N GLU B 86 -19.08 -36.69 -0.54
CA GLU B 86 -18.78 -37.20 0.77
C GLU B 86 -18.57 -36.06 1.81
N ARG B 87 -18.03 -36.41 2.97
CA ARG B 87 -17.98 -35.48 4.10
C ARG B 87 -16.80 -34.52 3.99
N LEU B 88 -17.00 -33.27 4.40
CA LEU B 88 -15.92 -32.30 4.59
C LEU B 88 -15.20 -32.62 5.93
N ILE B 89 -13.97 -32.13 6.13
CA ILE B 89 -13.23 -32.28 7.40
C ILE B 89 -12.86 -30.90 7.99
N HIS B 90 -13.17 -30.70 9.26
CA HIS B 90 -12.60 -29.62 10.06
C HIS B 90 -11.57 -30.21 11.03
N HIS B 91 -10.31 -29.81 10.84
CA HIS B 91 -9.23 -30.32 11.65
C HIS B 91 -8.87 -29.26 12.70
N VAL B 92 -9.16 -29.55 13.97
CA VAL B 92 -8.91 -28.56 15.05
C VAL B 92 -8.21 -29.26 16.19
N LYS B 93 -7.17 -28.63 16.73
CA LYS B 93 -6.39 -29.15 17.85
C LYS B 93 -5.94 -30.60 17.63
N GLY B 94 -5.45 -30.85 16.41
CA GLY B 94 -4.82 -32.10 16.07
C GLY B 94 -5.73 -33.26 15.87
N LYS B 95 -7.04 -33.00 15.64
CA LYS B 95 -8.01 -34.06 15.30
C LYS B 95 -9.00 -33.60 14.23
N SER B 96 -9.43 -34.58 13.42
CA SER B 96 -10.34 -34.32 12.33
C SER B 96 -11.79 -34.59 12.77
N TYR B 97 -12.66 -33.66 12.42
CA TYR B 97 -14.08 -33.78 12.67
C TYR B 97 -14.81 -33.67 11.33
N PRO B 98 -15.28 -34.81 10.80
CA PRO B 98 -16.00 -34.81 9.55
C PRO B 98 -17.41 -34.21 9.70
N PHE B 99 -17.89 -33.53 8.65
CA PHE B 99 -19.19 -32.86 8.67
C PHE B 99 -19.80 -32.75 7.26
N ARG B 100 -21.08 -32.37 7.22
CA ARG B 100 -21.77 -32.15 5.97
C ARG B 100 -22.41 -30.76 6.07
N GLY B 101 -22.69 -30.14 4.94
CA GLY B 101 -23.25 -28.77 4.89
C GLY B 101 -22.10 -27.79 4.79
N PRO B 102 -22.39 -26.50 4.50
CA PRO B 102 -21.25 -25.61 4.25
C PRO B 102 -20.39 -25.21 5.48
N PHE B 103 -20.98 -25.12 6.67
CA PHE B 103 -20.26 -24.62 7.87
C PHE B 103 -19.93 -25.74 8.83
N PRO B 104 -18.69 -25.73 9.41
CA PRO B 104 -18.31 -26.77 10.38
C PRO B 104 -19.16 -26.66 11.65
N PRO B 105 -19.66 -27.78 12.19
CA PRO B 105 -20.50 -27.68 13.40
C PRO B 105 -19.73 -27.27 14.66
N VAL B 106 -20.45 -26.65 15.60
CA VAL B 106 -19.92 -26.23 16.88
C VAL B 106 -20.79 -26.93 17.92
N TRP B 107 -20.18 -27.57 18.93
CA TRP B 107 -20.94 -28.30 19.97
C TRP B 107 -21.16 -27.58 21.33
N ASN B 108 -20.11 -26.96 21.88
CA ASN B 108 -20.23 -26.10 23.08
C ASN B 108 -21.26 -24.99 22.81
N PRO B 109 -22.21 -24.77 23.77
CA PRO B 109 -23.35 -23.87 23.54
C PRO B 109 -22.97 -22.38 23.42
N ILE B 110 -21.97 -21.98 24.20
CA ILE B 110 -21.39 -20.62 24.19
C ILE B 110 -20.60 -20.37 22.91
N THR B 111 -19.78 -21.34 22.53
CA THR B 111 -19.06 -21.30 21.27
C THR B 111 -20.04 -21.25 20.06
N TYR B 112 -21.09 -22.05 20.15
CA TYR B 112 -22.13 -22.08 19.11
C TYR B 112 -22.78 -20.71 18.85
N LEU B 113 -23.22 -20.06 19.93
CA LEU B 113 -23.80 -18.71 19.89
C LEU B 113 -22.82 -17.68 19.26
N ASP B 114 -21.55 -17.79 19.64
CA ASP B 114 -20.48 -16.89 19.22
C ASP B 114 -20.20 -17.00 17.71
N HIS B 115 -20.11 -18.24 17.22
CA HIS B 115 -19.94 -18.55 15.79
C HIS B 115 -21.13 -18.10 14.98
N ASN B 116 -22.34 -18.42 15.46
CA ASN B 116 -23.57 -18.03 14.79
C ASN B 116 -23.63 -16.51 14.62
N ASN B 117 -23.36 -15.77 15.71
CA ASN B 117 -23.36 -14.33 15.68
C ASN B 117 -22.33 -13.76 14.72
N PHE B 118 -21.16 -14.36 14.64
CA PHE B 118 -20.16 -13.83 13.73
C PHE B 118 -20.60 -13.83 12.25
N TRP B 119 -21.01 -14.98 11.74
CA TRP B 119 -21.42 -15.08 10.35
C TRP B 119 -22.61 -14.16 10.08
N ARG B 120 -23.53 -14.15 11.02
CA ARG B 120 -24.74 -13.31 10.93
C ARG B 120 -24.42 -11.84 10.88
N THR B 121 -23.47 -11.43 11.72
CA THR B 121 -23.09 -10.01 11.79
C THR B 121 -22.38 -9.52 10.53
N MET B 122 -21.47 -10.33 9.98
CA MET B 122 -20.87 -9.98 8.67
C MET B 122 -21.95 -9.66 7.64
N ASP B 123 -22.95 -10.53 7.52
CA ASP B 123 -24.03 -10.33 6.57
C ASP B 123 -24.91 -9.12 6.90
N ASP B 124 -25.32 -8.94 8.16
CA ASP B 124 -26.07 -7.71 8.56
C ASP B 124 -25.32 -6.42 8.23
N MET B 125 -24.02 -6.37 8.53
CA MET B 125 -23.24 -5.16 8.25
C MET B 125 -23.16 -4.93 6.74
N GLY B 126 -23.01 -6.01 5.96
CA GLY B 126 -23.01 -5.89 4.48
C GLY B 126 -24.28 -5.29 3.87
N ARG B 127 -25.45 -5.51 4.51
CA ARG B 127 -26.69 -4.94 3.97
C ARG B 127 -26.70 -3.40 3.93
N GLU B 128 -25.81 -2.76 4.69
CA GLU B 128 -25.74 -1.30 4.67
C GLU B 128 -24.65 -0.76 3.73
N ILE B 129 -24.00 -1.63 2.97
CA ILE B 129 -22.86 -1.24 2.11
C ILE B 129 -23.30 -1.36 0.64
N PRO B 130 -23.45 -0.20 -0.05
CA PRO B 130 -23.83 -0.29 -1.48
C PRO B 130 -22.76 -0.96 -2.35
N SER B 131 -23.14 -1.94 -3.18
CA SER B 131 -22.16 -2.65 -4.05
C SER B 131 -21.35 -1.75 -4.97
N ASP B 132 -22.00 -0.74 -5.56
CA ASP B 132 -21.34 0.16 -6.53
C ASP B 132 -20.72 1.41 -5.90
N ALA B 133 -20.86 1.57 -4.58
CA ALA B 133 -20.31 2.74 -3.88
C ALA B 133 -20.14 2.42 -2.39
N PRO B 134 -19.20 1.50 -2.03
CA PRO B 134 -19.11 1.14 -0.60
C PRO B 134 -18.79 2.31 0.34
N TRP B 135 -18.06 3.32 -0.16
CA TRP B 135 -17.81 4.59 0.57
C TRP B 135 -19.09 5.36 0.99
N LYS B 136 -20.25 5.00 0.42
CA LYS B 136 -21.54 5.59 0.76
C LYS B 136 -22.30 4.87 1.91
N ALA B 137 -21.70 3.83 2.47
CA ALA B 137 -22.22 3.19 3.69
C ALA B 137 -22.37 4.21 4.83
N PRO B 138 -23.47 4.13 5.58
CA PRO B 138 -23.72 5.11 6.65
C PRO B 138 -22.58 5.14 7.68
N LEU B 139 -21.94 4.01 7.96
CA LEU B 139 -20.76 4.03 8.86
C LEU B 139 -19.44 3.77 8.12
N ALA B 140 -19.35 4.19 6.86
CA ALA B 140 -18.16 3.94 6.04
C ALA B 140 -16.81 4.29 6.68
N GLU B 141 -16.71 5.50 7.20
CA GLU B 141 -15.47 5.94 7.83
C GLU B 141 -15.10 5.16 9.06
N GLU B 142 -16.03 5.00 9.97
CA GLU B 142 -15.83 4.18 11.13
C GLU B 142 -15.38 2.75 10.79
N TRP B 143 -16.05 2.08 9.84
CA TRP B 143 -15.66 0.72 9.45
C TRP B 143 -14.38 0.72 8.62
N ASP B 144 -14.13 1.78 7.83
CA ASP B 144 -12.88 1.85 7.02
C ASP B 144 -11.62 2.11 7.86
N ASN B 145 -11.81 2.69 9.03
CA ASN B 145 -10.70 3.09 9.89
C ASN B 145 -10.32 2.03 10.91
N MET B 146 -10.90 0.84 10.75
CA MET B 146 -10.69 -0.30 11.60
C MET B 146 -10.19 -1.41 10.66
N THR B 147 -9.25 -2.21 11.15
CA THR B 147 -8.91 -3.45 10.47
C THR B 147 -9.87 -4.58 10.84
N MET B 148 -9.89 -5.63 10.02
CA MET B 148 -10.69 -6.82 10.32
C MET B 148 -10.23 -7.48 11.63
N LYS B 149 -8.94 -7.34 11.96
CA LYS B 149 -8.46 -7.87 13.26
C LYS B 149 -9.19 -7.19 14.44
N GLU B 150 -9.26 -5.86 14.40
CA GLU B 150 -9.99 -5.09 15.37
C GLU B 150 -11.47 -5.46 15.42
N LEU B 151 -12.13 -5.54 14.25
CA LEU B 151 -13.50 -6.01 14.22
C LEU B 151 -13.66 -7.39 14.92
N LEU B 152 -12.80 -8.35 14.58
CA LEU B 152 -12.90 -9.70 15.15
C LEU B 152 -12.65 -9.75 16.67
N ASP B 153 -11.75 -8.87 17.13
CA ASP B 153 -11.44 -8.79 18.58
C ASP B 153 -12.68 -8.32 19.36
N LYS B 154 -13.43 -7.39 18.78
CA LYS B 154 -14.68 -6.91 19.35
C LYS B 154 -15.81 -7.91 19.27
N LEU B 155 -15.88 -8.63 18.14
CA LEU B 155 -17.03 -9.45 17.81
C LEU B 155 -17.01 -10.82 18.50
N CYS B 156 -15.84 -11.44 18.48
CA CYS B 156 -15.69 -12.84 18.81
C CYS B 156 -15.32 -12.99 20.27
N TRP B 157 -16.20 -13.60 21.05
CA TRP B 157 -15.96 -13.84 22.51
C TRP B 157 -15.22 -15.15 22.85
N THR B 158 -15.11 -16.04 21.88
CA THR B 158 -14.37 -17.31 22.07
C THR B 158 -13.21 -17.32 21.10
N GLU B 159 -12.14 -18.05 21.45
CA GLU B 159 -10.99 -18.25 20.58
C GLU B 159 -11.30 -19.13 19.38
N SER B 160 -12.22 -20.08 19.58
CA SER B 160 -12.75 -20.90 18.51
C SER B 160 -13.31 -20.07 17.35
N ALA B 161 -14.26 -19.19 17.65
CA ALA B 161 -14.84 -18.32 16.64
C ALA B 161 -13.81 -17.38 15.99
N LYS B 162 -12.91 -16.80 16.79
CA LYS B 162 -11.92 -15.87 16.27
C LYS B 162 -10.95 -16.58 15.33
N GLN B 163 -10.59 -17.82 15.65
CA GLN B 163 -9.68 -18.62 14.80
C GLN B 163 -10.32 -19.00 13.44
N LEU B 164 -11.60 -19.39 13.46
CA LEU B 164 -12.30 -19.67 12.22
C LEU B 164 -12.57 -18.43 11.36
N ALA B 165 -13.01 -17.36 12.00
CA ALA B 165 -13.13 -16.03 11.37
C ALA B 165 -11.83 -15.58 10.69
N THR B 166 -10.71 -15.82 11.35
CA THR B 166 -9.40 -15.43 10.84
C THR B 166 -9.11 -16.26 9.58
N LEU B 167 -9.30 -17.58 9.67
CA LEU B 167 -9.10 -18.45 8.53
C LEU B 167 -9.97 -17.96 7.36
N PHE B 168 -11.26 -17.64 7.61
CA PHE B 168 -12.19 -17.10 6.62
C PHE B 168 -11.58 -15.91 5.88
N VAL B 169 -11.03 -14.94 6.63
CA VAL B 169 -10.47 -13.75 6.00
C VAL B 169 -9.28 -14.11 5.12
N ASN B 170 -8.41 -14.97 5.65
CA ASN B 170 -7.17 -15.32 5.03
C ASN B 170 -7.47 -16.04 3.69
N LEU B 171 -8.48 -16.90 3.69
CA LEU B 171 -8.88 -17.70 2.49
C LEU B 171 -9.56 -16.84 1.42
N CYS B 172 -10.50 -16.00 1.84
CA CYS B 172 -11.19 -15.06 0.93
C CYS B 172 -10.30 -14.05 0.23
N VAL B 173 -9.41 -13.38 0.97
CA VAL B 173 -8.64 -12.27 0.42
C VAL B 173 -7.11 -12.40 0.48
N THR B 174 -6.62 -13.62 0.75
CA THR B 174 -5.18 -13.91 0.85
C THR B 174 -4.35 -12.84 1.57
N ALA B 175 -4.93 -12.32 2.65
CA ALA B 175 -4.31 -11.32 3.50
C ALA B 175 -4.65 -11.61 4.97
N GLU B 176 -3.89 -10.99 5.85
CA GLU B 176 -4.06 -11.15 7.31
C GLU B 176 -5.17 -10.22 7.73
N THR B 177 -5.83 -10.55 8.84
CA THR B 177 -6.93 -9.74 9.36
C THR B 177 -6.45 -8.32 9.68
N HIS B 178 -5.21 -8.19 10.12
CA HIS B 178 -4.70 -6.86 10.54
C HIS B 178 -4.23 -6.00 9.35
N GLU B 179 -4.14 -6.60 8.17
CA GLU B 179 -3.74 -5.87 6.95
C GLU B 179 -4.86 -5.13 6.25
N VAL B 180 -6.11 -5.57 6.46
CA VAL B 180 -7.20 -5.17 5.59
C VAL B 180 -8.23 -4.31 6.31
N SER B 181 -8.74 -3.27 5.64
CA SER B 181 -9.93 -2.53 6.11
C SER B 181 -11.18 -3.39 6.42
N ALA B 182 -11.85 -3.17 7.58
CA ALA B 182 -13.16 -3.80 7.85
C ALA B 182 -14.21 -3.47 6.81
N LEU B 183 -14.32 -2.18 6.44
CA LEU B 183 -15.27 -1.74 5.37
C LEU B 183 -15.06 -2.45 4.01
N TRP B 184 -13.81 -2.50 3.55
CA TRP B 184 -13.53 -3.14 2.30
C TRP B 184 -13.84 -4.66 2.38
N PHE B 185 -13.42 -5.29 3.47
CA PHE B 185 -13.68 -6.75 3.58
C PHE B 185 -15.16 -7.05 3.58
N LEU B 186 -15.91 -6.29 4.36
CA LEU B 186 -17.36 -6.46 4.43
C LEU B 186 -18.08 -6.20 3.07
N TRP B 187 -17.60 -5.21 2.34
CA TRP B 187 -18.05 -4.97 0.95
C TRP B 187 -17.75 -6.16 0.06
N TYR B 188 -16.53 -6.67 0.16
CA TYR B 188 -16.06 -7.75 -0.68
C TYR B 188 -16.96 -8.96 -0.54
N VAL B 189 -17.32 -9.28 0.70
CA VAL B 189 -18.19 -10.43 1.01
C VAL B 189 -19.60 -10.15 0.49
N LYS B 190 -20.09 -8.95 0.75
CA LYS B 190 -21.45 -8.55 0.35
C LYS B 190 -21.62 -8.60 -1.22
N GLN B 191 -20.66 -8.07 -1.97
CA GLN B 191 -20.74 -8.06 -3.44
C GLN B 191 -20.49 -9.44 -4.12
N CYS B 192 -20.13 -10.47 -3.35
CA CYS B 192 -20.21 -11.87 -3.80
C CYS B 192 -21.56 -12.53 -3.45
N GLY B 193 -22.44 -11.83 -2.76
CA GLY B 193 -23.72 -12.42 -2.36
C GLY B 193 -23.79 -12.92 -0.92
N GLY B 194 -22.76 -12.65 -0.14
CA GLY B 194 -22.75 -12.97 1.28
C GLY B 194 -21.90 -14.17 1.67
N THR B 195 -21.83 -14.46 2.97
CA THR B 195 -20.90 -15.43 3.52
C THR B 195 -21.25 -16.84 2.96
N THR B 196 -22.51 -17.26 3.04
CA THR B 196 -22.87 -18.62 2.54
C THR B 196 -22.43 -18.83 1.10
N ARG B 197 -22.82 -17.90 0.20
CA ARG B 197 -22.48 -17.98 -1.23
C ARG B 197 -20.96 -18.05 -1.46
N ILE B 198 -20.19 -17.24 -0.71
CA ILE B 198 -18.75 -17.15 -0.91
C ILE B 198 -17.97 -18.42 -0.46
N ILE B 199 -18.42 -19.05 0.62
CA ILE B 199 -17.70 -20.20 1.20
C ILE B 199 -18.19 -21.55 0.67
N SER B 200 -19.31 -21.57 -0.03
CA SER B 200 -19.94 -22.85 -0.42
C SER B 200 -19.36 -23.39 -1.72
N THR B 201 -19.22 -24.72 -1.78
CA THR B 201 -18.84 -25.40 -3.00
C THR B 201 -20.22 -25.63 -3.68
N THR B 202 -21.01 -26.59 -3.19
CA THR B 202 -22.39 -26.71 -3.70
C THR B 202 -23.18 -25.40 -3.50
N ASN B 203 -23.77 -24.89 -4.60
CA ASN B 203 -24.54 -23.62 -4.61
C ASN B 203 -23.74 -22.37 -4.23
N GLY B 204 -22.42 -22.41 -4.45
CA GLY B 204 -21.57 -21.23 -4.24
C GLY B 204 -20.43 -21.04 -5.23
N GLY B 205 -19.50 -20.17 -4.89
CA GLY B 205 -18.37 -19.82 -5.75
C GLY B 205 -17.45 -20.94 -6.18
N GLN B 206 -17.33 -22.01 -5.38
CA GLN B 206 -16.43 -23.12 -5.74
C GLN B 206 -17.18 -24.30 -6.36
N GLU B 207 -18.40 -24.08 -6.86
CA GLU B 207 -19.18 -25.20 -7.37
C GLU B 207 -18.56 -25.96 -8.54
N ARG B 208 -17.95 -25.24 -9.46
CA ARG B 208 -17.62 -25.78 -10.78
C ARG B 208 -16.27 -25.33 -11.28
N LYS B 209 -15.72 -26.08 -12.22
CA LYS B 209 -14.49 -25.71 -12.88
C LYS B 209 -14.75 -25.91 -14.38
N PHE B 210 -13.93 -25.32 -15.23
CA PHE B 210 -14.00 -25.52 -16.71
C PHE B 210 -13.26 -26.75 -17.16
N VAL B 211 -13.94 -27.61 -17.92
CA VAL B 211 -13.26 -28.73 -18.59
C VAL B 211 -12.14 -28.23 -19.49
N GLY B 212 -10.92 -28.71 -19.28
CA GLY B 212 -9.77 -28.24 -20.05
C GLY B 212 -9.08 -27.00 -19.49
N GLY B 213 -9.68 -26.35 -18.47
CA GLY B 213 -9.04 -25.21 -17.78
C GLY B 213 -9.60 -23.82 -18.13
N SER B 214 -9.57 -22.89 -17.15
CA SER B 214 -10.04 -21.51 -17.35
C SER B 214 -9.17 -20.70 -18.32
N GLY B 215 -7.92 -21.13 -18.51
CA GLY B 215 -6.99 -20.43 -19.40
C GLY B 215 -7.47 -20.44 -20.86
N GLN B 216 -8.28 -21.43 -21.18
CA GLN B 216 -8.98 -21.49 -22.45
C GLN B 216 -9.91 -20.28 -22.73
N VAL B 217 -10.46 -19.63 -21.70
CA VAL B 217 -11.28 -18.41 -21.99
C VAL B 217 -10.47 -17.35 -22.78
N SER B 218 -9.32 -16.93 -22.24
CA SER B 218 -8.45 -15.95 -22.90
C SER B 218 -7.84 -16.44 -24.21
N GLU B 219 -7.37 -17.68 -24.22
CA GLU B 219 -6.83 -18.34 -25.42
C GLU B 219 -7.83 -18.31 -26.58
N ARG B 220 -9.08 -18.70 -26.34
CA ARG B 220 -10.09 -18.75 -27.43
C ARG B 220 -10.51 -17.38 -27.93
N ILE B 221 -10.55 -16.39 -27.05
CA ILE B 221 -10.74 -15.00 -27.51
C ILE B 221 -9.54 -14.51 -28.36
N MET B 222 -8.33 -14.75 -27.87
CA MET B 222 -7.15 -14.50 -28.68
C MET B 222 -7.22 -15.16 -30.06
N ASP B 223 -7.68 -16.41 -30.12
CA ASP B 223 -7.94 -17.13 -31.39
C ASP B 223 -8.92 -16.31 -32.28
N LEU B 224 -10.01 -15.81 -31.69
CA LEU B 224 -10.98 -14.96 -32.39
C LEU B 224 -10.51 -13.56 -32.82
N LEU B 225 -9.47 -13.04 -32.17
CA LEU B 225 -9.05 -11.69 -32.49
C LEU B 225 -7.97 -11.65 -33.59
N GLY B 226 -7.46 -12.81 -33.98
CA GLY B 226 -6.60 -12.89 -35.15
C GLY B 226 -5.21 -12.45 -34.79
N ASP B 227 -4.75 -11.37 -35.39
CA ASP B 227 -3.39 -10.85 -35.10
C ASP B 227 -3.49 -9.54 -34.36
N ARG B 228 -4.67 -9.24 -33.84
CA ARG B 228 -4.91 -8.00 -33.11
C ARG B 228 -4.33 -8.05 -31.68
N VAL B 229 -4.05 -9.26 -31.17
CA VAL B 229 -3.36 -9.45 -29.88
C VAL B 229 -1.84 -9.45 -30.01
N LYS B 230 -1.17 -8.52 -29.34
CA LYS B 230 0.29 -8.43 -29.40
C LYS B 230 0.92 -8.85 -28.08
N LEU B 231 1.54 -10.04 -28.09
CA LEU B 231 2.26 -10.60 -26.94
C LEU B 231 3.65 -10.01 -26.78
N GLU B 232 4.11 -10.00 -25.53
CA GLU B 232 5.35 -9.36 -25.11
C GLU B 232 5.41 -7.90 -25.53
N ARG B 233 4.29 -7.21 -25.30
CA ARG B 233 4.13 -5.76 -25.47
C ARG B 233 3.71 -5.08 -24.14
N PRO B 234 4.63 -5.04 -23.15
CA PRO B 234 4.31 -4.30 -21.94
C PRO B 234 4.20 -2.81 -22.27
N VAL B 235 3.08 -2.19 -21.90
CA VAL B 235 2.91 -0.76 -22.07
C VAL B 235 3.78 -0.03 -21.02
N ILE B 236 4.50 1.00 -21.48
CA ILE B 236 5.41 1.81 -20.64
C ILE B 236 5.02 3.29 -20.64
N TYR B 237 4.17 3.70 -21.58
CA TYR B 237 3.92 5.12 -21.78
C TYR B 237 2.58 5.38 -22.44
N ILE B 238 1.81 6.28 -21.84
CA ILE B 238 0.56 6.76 -22.43
C ILE B 238 0.53 8.30 -22.51
N ASP B 239 0.42 8.81 -23.73
CA ASP B 239 0.41 10.24 -24.05
C ASP B 239 -0.96 10.66 -24.56
N GLN B 240 -1.63 11.52 -23.82
CA GLN B 240 -2.96 12.02 -24.19
C GLN B 240 -2.98 13.50 -24.60
N THR B 241 -1.84 14.05 -24.96
CA THR B 241 -1.79 15.51 -25.23
C THR B 241 -2.25 15.89 -26.64
N ARG B 242 -2.39 14.90 -27.53
CA ARG B 242 -2.69 15.15 -28.95
C ARG B 242 -4.11 14.71 -29.36
N GLU B 243 -4.37 14.73 -30.67
CA GLU B 243 -5.68 14.38 -31.24
C GLU B 243 -6.00 12.91 -30.96
N ASN B 244 -5.02 12.05 -31.22
CA ASN B 244 -5.12 10.62 -30.97
C ASN B 244 -4.31 10.25 -29.74
N VAL B 245 -4.78 9.29 -28.94
CA VAL B 245 -3.99 8.77 -27.80
C VAL B 245 -2.79 7.98 -28.33
N LEU B 246 -1.62 8.22 -27.76
CA LEU B 246 -0.43 7.45 -28.15
C LEU B 246 0.01 6.45 -27.07
N VAL B 247 0.09 5.17 -27.43
CA VAL B 247 0.47 4.14 -26.46
C VAL B 247 1.78 3.51 -26.90
N GLU B 248 2.80 3.61 -26.05
CA GLU B 248 4.10 3.04 -26.37
C GLU B 248 4.42 1.78 -25.53
N THR B 249 5.06 0.81 -26.19
CA THR B 249 5.48 -0.45 -25.53
C THR B 249 6.97 -0.50 -25.26
N LEU B 250 7.36 -1.38 -24.31
CA LEU B 250 8.75 -1.63 -23.93
C LEU B 250 9.62 -1.99 -25.15
N ASN B 251 9.08 -2.80 -26.07
CA ASN B 251 9.80 -3.19 -27.30
C ASN B 251 9.73 -2.13 -28.41
N HIS B 252 9.50 -0.88 -28.02
CA HIS B 252 9.70 0.28 -28.87
C HIS B 252 8.58 0.58 -29.89
N GLU B 253 7.54 -0.23 -29.90
CA GLU B 253 6.39 -0.02 -30.76
C GLU B 253 5.45 1.08 -30.26
N MET B 254 4.77 1.71 -31.22
CA MET B 254 3.88 2.83 -31.00
C MET B 254 2.47 2.61 -31.57
N TYR B 255 1.45 2.83 -30.74
CA TYR B 255 0.06 2.59 -31.17
C TYR B 255 -0.72 3.85 -31.01
N GLU B 256 -1.66 4.07 -31.89
CA GLU B 256 -2.40 5.31 -31.93
C GLU B 256 -3.87 4.91 -31.98
N ALA B 257 -4.68 5.54 -31.13
CA ALA B 257 -6.07 5.16 -31.01
C ALA B 257 -6.91 6.33 -30.53
N LYS B 258 -8.22 6.22 -30.68
CA LYS B 258 -9.14 7.22 -30.16
C LYS B 258 -9.33 7.07 -28.64
N TYR B 259 -9.32 5.82 -28.16
CA TYR B 259 -9.57 5.47 -26.74
C TYR B 259 -8.69 4.32 -26.25
N VAL B 260 -8.46 4.28 -24.92
CA VAL B 260 -7.70 3.22 -24.24
C VAL B 260 -8.57 2.58 -23.14
N ILE B 261 -8.52 1.25 -23.03
CA ILE B 261 -9.02 0.56 -21.85
C ILE B 261 -7.81 0.03 -21.09
N SER B 262 -7.72 0.38 -19.80
CA SER B 262 -6.71 -0.18 -18.92
C SER B 262 -7.36 -1.38 -18.19
N ALA B 263 -6.91 -2.58 -18.55
CA ALA B 263 -7.45 -3.84 -17.99
C ALA B 263 -6.40 -4.61 -17.15
N ILE B 264 -5.64 -3.88 -16.33
CA ILE B 264 -4.59 -4.41 -15.51
C ILE B 264 -4.95 -4.05 -14.03
N PRO B 265 -4.40 -4.81 -13.03
CA PRO B 265 -4.60 -4.40 -11.62
C PRO B 265 -4.27 -2.91 -11.39
N PRO B 266 -5.08 -2.20 -10.57
CA PRO B 266 -4.87 -0.76 -10.28
C PRO B 266 -3.39 -0.45 -10.01
N THR B 267 -2.76 -1.19 -9.08
CA THR B 267 -1.37 -0.86 -8.72
C THR B 267 -0.36 -1.08 -9.86
N LEU B 268 -0.66 -1.98 -10.78
CA LEU B 268 0.20 -2.14 -11.99
C LEU B 268 0.21 -0.96 -12.96
N GLY B 269 -0.82 -0.11 -12.86
CA GLY B 269 -0.82 1.19 -13.54
C GLY B 269 0.41 2.03 -13.17
N MET B 270 1.07 1.69 -12.06
CA MET B 270 2.37 2.35 -11.70
C MET B 270 3.49 2.14 -12.73
N LYS B 271 3.42 1.03 -13.46
CA LYS B 271 4.42 0.69 -14.47
C LYS B 271 4.33 1.54 -15.77
N ILE B 272 3.30 2.37 -15.86
CA ILE B 272 3.10 3.21 -17.02
C ILE B 272 3.47 4.66 -16.66
N HIS B 273 4.28 5.28 -17.51
CA HIS B 273 4.57 6.71 -17.37
C HIS B 273 3.49 7.48 -18.14
N PHE B 274 2.82 8.42 -17.47
CA PHE B 274 1.68 9.14 -18.09
C PHE B 274 2.00 10.58 -18.48
N ASN B 275 1.53 10.95 -19.67
CA ASN B 275 1.56 12.34 -20.15
C ASN B 275 0.16 12.77 -20.67
N PRO B 276 -0.47 13.79 -20.03
CA PRO B 276 -0.05 14.58 -18.87
C PRO B 276 -0.04 13.66 -17.64
N PRO B 277 0.57 14.10 -16.51
CA PRO B 277 0.53 13.19 -15.35
C PRO B 277 -0.92 12.87 -14.95
N LEU B 278 -1.12 11.75 -14.27
CA LEU B 278 -2.45 11.42 -13.75
C LEU B 278 -2.92 12.45 -12.74
N PRO B 279 -4.24 12.64 -12.64
CA PRO B 279 -4.76 13.51 -11.59
C PRO B 279 -4.31 13.02 -10.20
N MET B 280 -4.20 13.96 -9.24
CA MET B 280 -3.70 13.65 -7.87
C MET B 280 -4.25 12.37 -7.21
N MET B 281 -5.57 12.22 -7.20
CA MET B 281 -6.20 11.11 -6.48
C MET B 281 -5.82 9.74 -7.01
N ARG B 282 -5.85 9.58 -8.32
CA ARG B 282 -5.41 8.33 -8.97
C ARG B 282 -3.90 8.11 -8.84
N ASN B 283 -3.12 9.19 -8.94
CA ASN B 283 -1.66 9.15 -8.75
C ASN B 283 -1.32 8.52 -7.41
N GLN B 284 -2.03 8.91 -6.35
CA GLN B 284 -1.77 8.31 -5.04
C GLN B 284 -2.50 6.95 -4.82
N MET B 285 -3.70 6.80 -5.38
CA MET B 285 -4.45 5.55 -5.21
C MET B 285 -3.68 4.32 -5.64
N ILE B 286 -2.96 4.44 -6.76
CA ILE B 286 -2.25 3.30 -7.32
C ILE B 286 -0.98 2.85 -6.59
N THR B 287 -0.62 3.59 -5.52
CA THR B 287 0.44 3.17 -4.59
C THR B 287 -0.15 2.59 -3.31
N ARG B 288 -1.48 2.58 -3.19
CA ARG B 288 -2.13 2.23 -1.94
C ARG B 288 -2.89 0.90 -1.95
N VAL B 289 -2.76 0.13 -3.03
CA VAL B 289 -3.68 -0.98 -3.33
C VAL B 289 -2.90 -2.26 -3.72
N PRO B 290 -2.29 -2.93 -2.71
CA PRO B 290 -1.55 -4.19 -2.93
C PRO B 290 -2.47 -5.38 -3.29
N LEU B 291 -1.89 -6.43 -3.83
CA LEU B 291 -2.60 -7.71 -4.01
C LEU B 291 -2.12 -8.67 -2.94
N GLY B 292 -2.92 -9.72 -2.66
CA GLY B 292 -2.57 -10.68 -1.60
C GLY B 292 -1.50 -11.65 -2.03
N SER B 293 -1.27 -12.67 -1.18
CA SER B 293 -0.11 -13.54 -1.27
C SER B 293 -0.62 -14.97 -1.13
N VAL B 294 -0.33 -15.77 -2.13
CA VAL B 294 -0.83 -17.16 -2.18
C VAL B 294 0.10 -18.02 -3.02
N ILE B 295 0.28 -19.25 -2.57
CA ILE B 295 0.84 -20.32 -3.36
C ILE B 295 -0.28 -21.35 -3.59
N LYS B 296 -0.61 -21.61 -4.83
CA LYS B 296 -1.57 -22.66 -5.14
C LYS B 296 -0.80 -23.95 -5.43
N CYS B 297 -1.13 -25.04 -4.72
CA CYS B 297 -0.35 -26.28 -4.71
C CYS B 297 -1.29 -27.46 -5.02
N ILE B 298 -0.86 -28.33 -5.92
CA ILE B 298 -1.70 -29.49 -6.28
C ILE B 298 -0.84 -30.75 -6.15
N VAL B 299 -1.28 -31.65 -5.28
CA VAL B 299 -0.61 -32.95 -5.05
C VAL B 299 -1.45 -34.05 -5.68
N TYR B 300 -0.79 -34.85 -6.50
CA TYR B 300 -1.41 -35.89 -7.34
C TYR B 300 -1.23 -37.26 -6.69
N TYR B 301 -2.22 -38.12 -6.84
CA TYR B 301 -2.19 -39.48 -6.24
C TYR B 301 -2.68 -40.48 -7.26
N LYS B 302 -2.35 -41.75 -7.05
CA LYS B 302 -2.83 -42.81 -7.94
C LYS B 302 -4.37 -42.86 -8.01
N GLU B 303 -5.03 -42.70 -6.87
CA GLU B 303 -6.51 -42.71 -6.76
C GLU B 303 -7.01 -41.69 -5.77
N PRO B 304 -8.27 -41.25 -5.90
CA PRO B 304 -8.81 -40.37 -4.87
C PRO B 304 -9.18 -41.17 -3.61
N PHE B 305 -8.16 -41.59 -2.86
CA PHE B 305 -8.32 -42.56 -1.73
C PHE B 305 -9.23 -42.04 -0.63
N TRP B 306 -9.27 -40.72 -0.44
CA TRP B 306 -10.15 -40.09 0.57
C TRP B 306 -11.63 -40.49 0.42
N ARG B 307 -12.08 -40.68 -0.81
CA ARG B 307 -13.48 -41.07 -1.14
C ARG B 307 -13.86 -42.41 -0.48
N LYS B 308 -12.90 -43.30 -0.36
CA LYS B 308 -13.08 -44.63 0.29
C LYS B 308 -13.39 -44.50 1.78
N LYS B 309 -12.89 -43.42 2.39
CA LYS B 309 -13.16 -43.14 3.79
C LYS B 309 -14.37 -42.24 3.99
N ASP B 310 -15.19 -42.05 2.93
CA ASP B 310 -16.31 -41.10 2.97
C ASP B 310 -15.87 -39.64 3.29
N TYR B 311 -14.72 -39.24 2.75
CA TYR B 311 -14.28 -37.84 2.72
C TYR B 311 -14.28 -37.31 1.29
N CYS B 312 -14.77 -36.10 1.08
CA CYS B 312 -14.83 -35.53 -0.31
C CYS B 312 -13.50 -34.93 -0.75
N GLY B 313 -12.61 -34.60 0.22
CA GLY B 313 -11.30 -33.99 -0.08
C GLY B 313 -11.17 -32.52 0.36
N THR B 314 -12.29 -31.93 0.79
CA THR B 314 -12.33 -30.61 1.41
C THR B 314 -11.85 -30.71 2.84
N MET B 315 -10.88 -29.88 3.19
CA MET B 315 -10.27 -29.87 4.51
C MET B 315 -10.16 -28.41 4.90
N ILE B 316 -10.64 -28.11 6.11
CA ILE B 316 -10.51 -26.82 6.77
C ILE B 316 -9.62 -27.04 8.00
N ILE B 317 -8.41 -26.52 7.92
CA ILE B 317 -7.35 -26.92 8.80
C ILE B 317 -6.93 -25.71 9.63
N ASP B 318 -7.29 -25.71 10.91
CA ASP B 318 -6.98 -24.57 11.80
C ASP B 318 -5.52 -24.56 12.24
N GLY B 319 -4.99 -23.39 12.54
CA GLY B 319 -3.76 -23.33 13.32
C GLY B 319 -2.56 -22.85 12.56
N GLU B 320 -1.55 -22.40 13.31
CA GLU B 320 -0.38 -21.77 12.73
C GLU B 320 0.55 -22.78 12.09
N GLU B 321 0.59 -23.97 12.66
CA GLU B 321 1.58 -24.94 12.25
C GLU B 321 1.32 -25.54 10.84
N ALA B 322 0.06 -25.73 10.48
CA ALA B 322 -0.34 -26.27 9.16
C ALA B 322 0.06 -25.35 7.96
N PRO B 323 0.84 -25.84 6.97
CA PRO B 323 1.13 -24.99 5.78
C PRO B 323 -0.13 -24.52 5.01
N VAL B 324 -1.08 -25.43 4.86
CA VAL B 324 -2.32 -25.25 4.12
C VAL B 324 -3.53 -25.20 5.05
N ALA B 325 -4.40 -24.20 4.89
CA ALA B 325 -5.55 -24.04 5.75
C ALA B 325 -6.83 -24.55 5.13
N TYR B 326 -6.81 -24.75 3.80
CA TYR B 326 -7.96 -25.15 2.98
C TYR B 326 -7.61 -25.93 1.72
N THR B 327 -8.35 -27.03 1.49
CA THR B 327 -8.16 -27.86 0.30
C THR B 327 -9.48 -28.20 -0.34
N LEU B 328 -9.39 -28.57 -1.61
CA LEU B 328 -10.49 -29.21 -2.35
C LEU B 328 -9.99 -30.35 -3.19
N ASP B 329 -10.90 -31.26 -3.50
CA ASP B 329 -10.63 -32.33 -4.45
C ASP B 329 -10.39 -31.69 -5.84
N ASP B 330 -9.23 -31.99 -6.45
CA ASP B 330 -8.96 -31.51 -7.80
C ASP B 330 -8.95 -32.62 -8.85
N THR B 331 -9.57 -33.75 -8.51
CA THR B 331 -9.68 -34.89 -9.44
C THR B 331 -10.54 -34.49 -10.66
N LYS B 332 -10.11 -34.95 -11.82
CA LYS B 332 -10.84 -34.75 -13.07
C LYS B 332 -12.18 -35.48 -13.04
N PRO B 333 -13.16 -35.00 -13.87
CA PRO B 333 -14.53 -35.52 -13.87
C PRO B 333 -14.54 -37.04 -14.08
N GLU B 334 -13.60 -37.52 -14.87
CA GLU B 334 -13.49 -38.94 -15.22
C GLU B 334 -13.01 -39.82 -14.06
N GLY B 335 -12.62 -39.18 -12.95
CA GLY B 335 -12.14 -39.91 -11.76
C GLY B 335 -10.65 -40.18 -11.77
N ASN B 336 -9.99 -39.67 -12.80
CA ASN B 336 -8.57 -39.93 -12.98
C ASN B 336 -7.78 -38.68 -12.68
N TYR B 337 -6.45 -38.76 -12.77
CA TYR B 337 -5.58 -37.66 -12.29
C TYR B 337 -6.04 -37.19 -10.88
N ALA B 338 -6.22 -38.16 -9.98
CA ALA B 338 -6.57 -37.87 -8.58
C ALA B 338 -5.63 -36.81 -7.99
N ALA B 339 -6.21 -35.84 -7.30
CA ALA B 339 -5.43 -34.74 -6.73
C ALA B 339 -6.13 -33.95 -5.62
N ILE B 340 -5.32 -33.27 -4.80
CA ILE B 340 -5.80 -32.37 -3.79
C ILE B 340 -5.16 -31.03 -4.10
N MET B 341 -6.04 -30.03 -4.19
CA MET B 341 -5.64 -28.62 -4.38
C MET B 341 -5.63 -27.96 -2.99
N GLY B 342 -4.53 -27.30 -2.64
CA GLY B 342 -4.48 -26.56 -1.40
C GLY B 342 -3.87 -25.18 -1.58
N PHE B 343 -4.16 -24.28 -0.63
CA PHE B 343 -3.68 -22.88 -0.73
C PHE B 343 -2.81 -22.63 0.47
N ILE B 344 -1.60 -22.13 0.23
CA ILE B 344 -0.72 -21.63 1.29
C ILE B 344 -0.92 -20.12 1.32
N LEU B 345 -1.45 -19.59 2.41
CA LEU B 345 -2.11 -18.30 2.37
C LEU B 345 -1.35 -17.21 3.12
N ALA B 346 -1.41 -15.98 2.60
CA ALA B 346 -0.96 -14.81 3.37
C ALA B 346 0.49 -14.95 3.95
N HIS B 347 0.72 -14.77 5.27
CA HIS B 347 2.10 -14.84 5.80
C HIS B 347 2.77 -16.22 5.66
N LYS B 348 1.97 -17.28 5.54
CA LYS B 348 2.54 -18.59 5.26
C LYS B 348 3.11 -18.68 3.83
N ALA B 349 2.51 -17.98 2.87
CA ALA B 349 3.13 -17.92 1.50
C ALA B 349 4.54 -17.33 1.56
N ARG B 350 4.66 -16.22 2.29
CA ARG B 350 5.94 -15.54 2.50
C ARG B 350 6.93 -16.43 3.22
N LYS B 351 6.48 -17.04 4.33
CA LYS B 351 7.34 -17.91 5.17
C LYS B 351 7.81 -19.18 4.46
N LEU B 352 6.91 -19.86 3.76
CA LEU B 352 7.25 -21.15 3.15
C LEU B 352 7.91 -21.06 1.79
N ALA B 353 7.91 -19.85 1.20
CA ALA B 353 8.48 -19.67 -0.13
C ALA B 353 9.99 -19.93 -0.20
N ARG B 354 10.68 -19.74 0.93
CA ARG B 354 12.13 -19.98 1.06
C ARG B 354 12.52 -21.46 0.96
N LEU B 355 11.53 -22.34 1.12
CA LEU B 355 11.75 -23.76 1.03
C LEU B 355 11.90 -24.19 -0.44
N THR B 356 12.36 -25.41 -0.68
CA THR B 356 12.37 -25.99 -2.03
C THR B 356 11.00 -26.59 -2.36
N LYS B 357 10.74 -26.79 -3.63
CA LYS B 357 9.52 -27.41 -4.12
C LYS B 357 9.31 -28.78 -3.45
N GLU B 358 10.40 -29.54 -3.28
CA GLU B 358 10.35 -30.89 -2.69
C GLU B 358 10.07 -30.86 -1.18
N GLU B 359 10.64 -29.87 -0.49
CA GLU B 359 10.33 -29.61 0.92
C GLU B 359 8.87 -29.21 1.16
N ARG B 360 8.31 -28.40 0.28
CA ARG B 360 6.93 -28.02 0.45
C ARG B 360 6.05 -29.25 0.20
N LEU B 361 6.40 -30.05 -0.81
CA LEU B 361 5.65 -31.30 -1.09
C LEU B 361 5.55 -32.21 0.12
N LYS B 362 6.70 -32.47 0.77
CA LYS B 362 6.75 -33.30 1.97
C LYS B 362 5.90 -32.79 3.14
N LYS B 363 6.00 -31.48 3.46
CA LYS B 363 5.13 -30.86 4.48
C LYS B 363 3.66 -31.01 4.16
N LEU B 364 3.29 -30.85 2.90
CA LEU B 364 1.92 -31.03 2.45
C LEU B 364 1.41 -32.45 2.57
N CYS B 365 2.19 -33.42 2.12
CA CYS B 365 1.81 -34.83 2.23
C CYS B 365 1.65 -35.32 3.69
N GLU B 366 2.58 -34.91 4.57
CA GLU B 366 2.52 -35.22 6.00
C GLU B 366 1.28 -34.62 6.67
N LEU B 367 0.99 -33.34 6.38
CA LEU B 367 -0.26 -32.74 6.80
C LEU B 367 -1.51 -33.48 6.28
N TYR B 368 -1.56 -33.81 4.99
CA TYR B 368 -2.75 -34.46 4.45
C TYR B 368 -2.87 -35.88 5.06
N ALA B 369 -1.73 -36.55 5.27
CA ALA B 369 -1.78 -37.89 5.96
C ALA B 369 -2.44 -37.78 7.35
N LYS B 370 -2.09 -36.75 8.11
CA LYS B 370 -2.63 -36.54 9.44
C LYS B 370 -4.12 -36.18 9.38
N VAL B 371 -4.50 -35.31 8.44
CA VAL B 371 -5.89 -34.82 8.40
C VAL B 371 -6.86 -35.87 7.80
N LEU B 372 -6.40 -36.50 6.74
CA LEU B 372 -7.16 -37.58 6.10
C LEU B 372 -7.03 -38.88 6.83
N GLY B 373 -6.13 -38.95 7.79
CA GLY B 373 -5.84 -40.22 8.50
C GLY B 373 -5.51 -41.40 7.59
N SER B 374 -4.61 -41.18 6.63
CA SER B 374 -4.30 -42.16 5.57
C SER B 374 -2.82 -42.12 5.25
N LEU B 375 -2.16 -43.27 5.32
CA LEU B 375 -0.77 -43.38 4.88
C LEU B 375 -0.66 -43.19 3.35
N GLU B 376 -1.80 -43.25 2.63
CA GLU B 376 -1.79 -43.05 1.16
C GLU B 376 -1.36 -41.65 0.76
N ALA B 377 -1.59 -40.69 1.64
CA ALA B 377 -1.25 -39.29 1.34
C ALA B 377 0.25 -39.09 1.28
N LEU B 378 1.01 -40.07 1.79
CA LEU B 378 2.46 -39.99 1.85
C LEU B 378 3.13 -40.47 0.58
N GLU B 379 2.35 -40.96 -0.38
CA GLU B 379 2.92 -41.47 -1.65
C GLU B 379 2.43 -40.71 -2.87
N PRO B 380 2.82 -39.42 -3.01
CA PRO B 380 2.32 -38.66 -4.18
C PRO B 380 2.97 -39.14 -5.52
N VAL B 381 2.25 -38.99 -6.65
CA VAL B 381 2.78 -39.37 -7.98
C VAL B 381 3.30 -38.15 -8.81
N HIS B 382 2.90 -36.96 -8.38
CA HIS B 382 3.24 -35.72 -9.06
C HIS B 382 2.86 -34.53 -8.18
N TYR B 383 3.50 -33.39 -8.43
CA TYR B 383 3.24 -32.15 -7.69
C TYR B 383 3.36 -30.97 -8.66
N GLU B 384 2.41 -30.06 -8.59
CA GLU B 384 2.53 -28.76 -9.26
C GLU B 384 2.18 -27.64 -8.28
N GLU B 385 2.82 -26.48 -8.48
CA GLU B 385 2.51 -25.32 -7.68
C GLU B 385 2.83 -24.02 -8.42
N LYS B 386 2.19 -22.97 -7.98
CA LYS B 386 2.51 -21.63 -8.45
C LYS B 386 2.45 -20.61 -7.31
N ASN B 387 3.56 -19.92 -7.16
CA ASN B 387 3.65 -18.82 -6.19
C ASN B 387 3.39 -17.51 -6.94
N TRP B 388 2.21 -16.94 -6.73
CA TRP B 388 1.77 -15.73 -7.45
C TRP B 388 2.42 -14.40 -7.01
N CYS B 389 3.07 -14.41 -5.84
CA CYS B 389 3.78 -13.28 -5.28
C CYS B 389 4.97 -12.88 -6.14
N GLU B 390 5.46 -13.81 -6.95
CA GLU B 390 6.68 -13.57 -7.74
C GLU B 390 6.42 -12.93 -9.13
N GLU B 391 5.15 -12.75 -9.47
CA GLU B 391 4.77 -12.30 -10.83
C GLU B 391 4.83 -10.79 -10.95
N GLN B 392 5.79 -10.29 -11.72
CA GLN B 392 5.86 -8.86 -12.09
C GLN B 392 4.56 -8.24 -12.68
N TYR B 393 3.86 -8.99 -13.53
CA TYR B 393 2.70 -8.46 -14.22
C TYR B 393 1.36 -8.86 -13.60
N SER B 394 1.42 -9.47 -12.40
CA SER B 394 0.23 -9.69 -11.55
C SER B 394 0.34 -8.90 -10.23
N GLY B 395 1.47 -9.07 -9.53
CA GLY B 395 1.66 -8.43 -8.21
C GLY B 395 1.21 -9.31 -7.03
N GLY B 396 0.55 -10.44 -7.31
CA GLY B 396 -0.12 -11.24 -6.29
C GLY B 396 -1.40 -11.92 -6.78
N CYS B 397 -2.05 -12.63 -5.86
CA CYS B 397 -3.38 -13.23 -6.07
C CYS B 397 -4.13 -13.34 -4.74
N TYR B 398 -5.48 -13.42 -4.78
CA TYR B 398 -6.30 -13.48 -6.01
C TYR B 398 -6.50 -12.09 -6.61
N THR B 399 -6.47 -11.09 -5.72
CA THR B 399 -6.96 -9.75 -6.06
C THR B 399 -6.37 -8.66 -5.18
N THR B 400 -6.67 -7.42 -5.54
CA THR B 400 -6.33 -6.23 -4.75
C THR B 400 -7.10 -6.17 -3.41
N TYR B 401 -6.41 -5.92 -2.30
CA TYR B 401 -7.08 -5.57 -1.04
C TYR B 401 -6.85 -4.12 -0.61
N PHE B 402 -7.75 -3.56 0.19
CA PHE B 402 -7.63 -2.18 0.64
C PHE B 402 -7.25 -2.15 2.12
N PRO B 403 -6.07 -1.61 2.46
CA PRO B 403 -5.72 -1.42 3.87
C PRO B 403 -6.59 -0.35 4.52
N PRO B 404 -6.51 -0.23 5.86
CA PRO B 404 -7.42 0.72 6.52
C PRO B 404 -7.26 2.17 6.04
N GLY B 405 -8.40 2.82 5.81
CA GLY B 405 -8.45 4.23 5.44
C GLY B 405 -8.55 4.50 3.94
N ILE B 406 -8.31 3.48 3.13
CA ILE B 406 -8.07 3.73 1.69
C ILE B 406 -9.35 3.80 0.83
N LEU B 407 -10.28 2.88 1.08
CA LEU B 407 -11.52 2.78 0.30
C LEU B 407 -12.31 4.06 0.30
N THR B 408 -12.46 4.66 1.48
CA THR B 408 -13.28 5.87 1.61
C THR B 408 -12.59 7.08 1.01
N GLN B 409 -11.26 7.11 1.09
CA GLN B 409 -10.49 8.27 0.59
C GLN B 409 -10.23 8.21 -0.90
N TYR B 410 -10.04 7.01 -1.46
CA TYR B 410 -9.63 6.86 -2.84
C TYR B 410 -10.56 6.06 -3.71
N GLY B 411 -11.47 5.32 -3.10
CA GLY B 411 -12.23 4.30 -3.81
C GLY B 411 -13.06 4.83 -4.96
N ARG B 412 -13.55 6.06 -4.85
CA ARG B 412 -14.37 6.58 -5.91
C ARG B 412 -13.62 6.84 -7.25
N VAL B 413 -12.29 6.88 -7.25
CA VAL B 413 -11.57 7.07 -8.53
C VAL B 413 -11.19 5.78 -9.26
N LEU B 414 -11.40 4.64 -8.60
CA LEU B 414 -11.06 3.34 -9.21
C LEU B 414 -11.48 3.21 -10.67
N ARG B 415 -12.76 3.46 -10.97
CA ARG B 415 -13.18 3.36 -12.35
C ARG B 415 -13.56 4.69 -13.03
N GLN B 416 -13.13 5.82 -12.45
CA GLN B 416 -13.38 7.12 -13.08
C GLN B 416 -12.45 7.23 -14.30
N PRO B 417 -13.00 7.49 -15.52
CA PRO B 417 -12.15 7.66 -16.70
C PRO B 417 -11.12 8.79 -16.51
N VAL B 418 -9.92 8.62 -17.04
CA VAL B 418 -8.94 9.68 -17.15
C VAL B 418 -8.84 10.14 -18.64
N ASP B 419 -9.59 11.19 -18.98
CA ASP B 419 -9.65 11.77 -20.36
C ASP B 419 -10.20 10.71 -21.31
N ARG B 420 -9.36 10.08 -22.12
CA ARG B 420 -9.80 8.99 -23.03
C ARG B 420 -9.35 7.58 -22.56
N ILE B 421 -8.90 7.46 -21.30
CA ILE B 421 -8.60 6.15 -20.68
C ILE B 421 -9.73 5.67 -19.79
N TYR B 422 -10.23 4.46 -20.07
CA TYR B 422 -11.32 3.88 -19.32
C TYR B 422 -10.76 2.64 -18.56
N PHE B 423 -11.37 2.28 -17.44
CA PHE B 423 -10.78 1.29 -16.50
C PHE B 423 -11.58 0.00 -16.39
N ALA B 424 -10.96 -1.10 -16.81
CA ALA B 424 -11.53 -2.42 -16.69
C ALA B 424 -10.75 -3.17 -15.61
N GLY B 425 -10.75 -4.49 -15.67
CA GLY B 425 -10.13 -5.24 -14.56
C GLY B 425 -11.10 -5.60 -13.47
N THR B 426 -10.92 -6.78 -12.88
CA THR B 426 -11.91 -7.33 -11.93
C THR B 426 -12.08 -6.41 -10.69
N GLU B 427 -11.02 -5.72 -10.31
CA GLU B 427 -11.06 -4.77 -9.19
C GLU B 427 -12.15 -3.68 -9.37
N THR B 428 -12.51 -3.39 -10.62
CA THR B 428 -13.55 -2.39 -10.96
C THR B 428 -14.98 -2.93 -11.04
N ALA B 429 -15.17 -4.25 -10.85
CA ALA B 429 -16.51 -4.81 -10.94
C ALA B 429 -17.33 -4.46 -9.69
N THR B 430 -18.64 -4.59 -9.80
CA THR B 430 -19.54 -4.41 -8.65
C THR B 430 -20.22 -5.73 -8.18
N HIS B 431 -19.94 -6.84 -8.86
CA HIS B 431 -20.50 -8.13 -8.45
C HIS B 431 -19.40 -9.15 -8.74
N TRP B 432 -19.01 -9.92 -7.73
CA TRP B 432 -17.85 -10.80 -7.84
C TRP B 432 -16.58 -10.10 -8.35
N SER B 433 -16.35 -8.85 -7.94
CA SER B 433 -15.05 -8.25 -8.07
C SER B 433 -14.07 -9.18 -7.35
N GLY B 434 -12.88 -9.33 -7.92
CA GLY B 434 -11.88 -10.25 -7.41
C GLY B 434 -11.84 -11.61 -8.13
N TYR B 435 -12.87 -11.89 -8.92
CA TYR B 435 -13.09 -13.16 -9.66
C TYR B 435 -13.11 -13.00 -11.20
N MET B 436 -12.98 -14.11 -11.93
CA MET B 436 -13.22 -14.19 -13.39
C MET B 436 -14.57 -13.54 -13.77
N GLU B 437 -15.63 -13.82 -13.03
CA GLU B 437 -16.93 -13.15 -13.23
C GLU B 437 -16.82 -11.60 -13.29
N GLY B 438 -16.21 -11.01 -12.26
CA GLY B 438 -15.97 -9.57 -12.25
C GLY B 438 -15.06 -9.04 -13.35
N ALA B 439 -14.03 -9.79 -13.74
CA ALA B 439 -13.27 -9.44 -14.95
C ALA B 439 -14.18 -9.22 -16.20
N VAL B 440 -15.11 -10.15 -16.45
CA VAL B 440 -16.03 -10.02 -17.59
C VAL B 440 -16.94 -8.78 -17.49
N GLU B 441 -17.60 -8.61 -16.35
CA GLU B 441 -18.41 -7.46 -16.08
C GLU B 441 -17.71 -6.14 -16.35
N ALA B 442 -16.49 -5.97 -15.84
CA ALA B 442 -15.74 -4.75 -15.92
C ALA B 442 -15.21 -4.50 -17.34
N GLY B 443 -14.77 -5.56 -18.02
CA GLY B 443 -14.29 -5.44 -19.40
C GLY B 443 -15.40 -4.97 -20.35
N GLU B 444 -16.56 -5.61 -20.24
CA GLU B 444 -17.72 -5.29 -21.06
C GLU B 444 -18.32 -3.94 -20.72
N ARG B 445 -18.35 -3.57 -19.43
CA ARG B 445 -18.77 -2.21 -19.05
C ARG B 445 -17.81 -1.14 -19.59
N ALA B 446 -16.50 -1.33 -19.46
CA ALA B 446 -15.55 -0.34 -19.98
C ALA B 446 -15.67 -0.17 -21.49
N ALA B 447 -15.85 -1.30 -22.20
CA ALA B 447 -16.04 -1.31 -23.67
C ALA B 447 -17.32 -0.53 -24.07
N ARG B 448 -18.39 -0.67 -23.32
CA ARG B 448 -19.63 0.11 -23.54
C ARG B 448 -19.57 1.61 -23.19
N GLU B 449 -18.74 2.01 -22.20
CA GLU B 449 -18.53 3.43 -21.88
C GLU B 449 -17.95 4.11 -23.10
N ILE B 450 -17.02 3.41 -23.76
CA ILE B 450 -16.43 3.91 -24.98
C ILE B 450 -17.44 3.94 -26.16
N LEU B 451 -18.25 2.91 -26.32
CA LEU B 451 -19.31 2.91 -27.33
C LEU B 451 -20.24 4.10 -27.13
N HIS B 452 -20.57 4.40 -25.88
CA HIS B 452 -21.38 5.57 -25.55
C HIS B 452 -20.67 6.90 -25.85
N ALA B 453 -19.38 6.98 -25.51
CA ALA B 453 -18.49 8.10 -25.87
C ALA B 453 -18.43 8.36 -27.39
N MET B 454 -18.54 7.29 -28.18
CA MET B 454 -18.58 7.42 -29.64
C MET B 454 -19.99 7.72 -30.21
N GLY B 455 -20.99 7.82 -29.34
CA GLY B 455 -22.37 8.06 -29.77
C GLY B 455 -23.04 6.86 -30.39
N LYS B 456 -22.55 5.65 -30.08
CA LYS B 456 -23.11 4.42 -30.65
C LYS B 456 -24.26 3.76 -29.86
N ILE B 457 -24.29 3.95 -28.55
CA ILE B 457 -25.33 3.41 -27.69
C ILE B 457 -25.71 4.51 -26.70
N PRO B 458 -26.94 4.48 -26.14
CA PRO B 458 -27.33 5.44 -25.11
C PRO B 458 -26.73 5.14 -23.73
N GLU B 459 -26.79 6.10 -22.80
CA GLU B 459 -26.20 5.95 -21.46
C GLU B 459 -26.75 4.74 -20.65
N ASP B 460 -28.06 4.49 -20.76
CA ASP B 460 -28.70 3.34 -20.09
C ASP B 460 -28.22 1.96 -20.55
N GLU B 461 -27.41 1.90 -21.61
CA GLU B 461 -26.89 0.64 -22.10
C GLU B 461 -25.45 0.35 -21.65
N ILE B 462 -24.85 1.28 -20.88
CA ILE B 462 -23.47 1.10 -20.35
C ILE B 462 -23.38 -0.07 -19.35
N TRP B 463 -24.29 -0.09 -18.37
CA TRP B 463 -24.38 -1.18 -17.43
C TRP B 463 -25.52 -2.08 -17.90
N GLN B 464 -25.23 -3.36 -18.11
CA GLN B 464 -26.24 -4.31 -18.55
C GLN B 464 -26.37 -5.51 -17.63
N SER B 465 -27.62 -5.86 -17.32
CA SER B 465 -27.93 -7.06 -16.55
C SER B 465 -27.66 -8.29 -17.38
N GLU B 466 -27.51 -9.45 -16.71
CA GLU B 466 -27.18 -10.70 -17.35
C GLU B 466 -28.24 -11.75 -17.02
N PRO B 467 -28.78 -12.40 -18.05
CA PRO B 467 -29.74 -13.49 -17.79
C PRO B 467 -29.04 -14.66 -17.09
N GLU B 468 -29.76 -15.31 -16.18
CA GLU B 468 -29.25 -16.47 -15.45
C GLU B 468 -28.89 -17.63 -16.37
N SER B 469 -27.78 -18.30 -16.05
CA SER B 469 -27.33 -19.49 -16.75
C SER B 469 -28.35 -20.60 -16.58
N VAL B 470 -28.66 -21.31 -17.67
CA VAL B 470 -29.55 -22.47 -17.57
C VAL B 470 -28.78 -23.70 -17.08
N ASP B 471 -27.48 -23.70 -17.30
CA ASP B 471 -26.60 -24.80 -16.92
C ASP B 471 -26.22 -24.77 -15.45
N VAL B 472 -26.05 -23.57 -14.89
CA VAL B 472 -25.67 -23.38 -13.49
C VAL B 472 -26.67 -22.44 -12.83
N PRO B 473 -27.89 -22.95 -12.59
CA PRO B 473 -28.87 -22.09 -11.96
C PRO B 473 -28.58 -21.94 -10.45
N ALA B 474 -28.98 -20.79 -9.92
CA ALA B 474 -28.78 -20.48 -8.51
C ALA B 474 -30.00 -20.85 -7.67
N GLN B 475 -29.77 -21.46 -6.50
CA GLN B 475 -30.82 -21.63 -5.50
C GLN B 475 -30.64 -20.56 -4.43
N PRO B 476 -31.74 -20.10 -3.80
CA PRO B 476 -31.62 -19.05 -2.78
C PRO B 476 -30.80 -19.47 -1.56
N ILE B 477 -30.17 -18.50 -0.91
CA ILE B 477 -29.55 -18.74 0.37
C ILE B 477 -30.63 -18.63 1.45
N THR B 478 -30.72 -19.63 2.30
CA THR B 478 -31.74 -19.62 3.37
C THR B 478 -31.06 -19.62 4.74
N THR B 479 -31.79 -19.13 5.74
CA THR B 479 -31.37 -19.25 7.14
C THR B 479 -32.50 -19.87 7.95
N THR B 480 -32.19 -20.38 9.13
CA THR B 480 -33.23 -20.93 10.02
C THR B 480 -33.66 -19.91 11.06
N PHE B 481 -34.84 -20.13 11.66
CA PHE B 481 -35.39 -19.25 12.68
C PHE B 481 -34.38 -19.02 13.82
N LEU B 482 -33.74 -20.09 14.27
CA LEU B 482 -32.76 -20.01 15.35
C LEU B 482 -31.47 -19.24 14.97
N GLU B 483 -30.99 -19.45 13.74
CA GLU B 483 -29.85 -18.69 13.22
C GLU B 483 -30.12 -17.18 13.26
N ARG B 484 -31.33 -16.79 12.82
CA ARG B 484 -31.76 -15.37 12.87
C ARG B 484 -31.91 -14.81 14.28
N HIS B 485 -32.36 -15.64 15.24
CA HIS B 485 -32.82 -15.07 16.52
C HIS B 485 -32.04 -15.40 17.79
N LEU B 486 -31.21 -16.43 17.74
CA LEU B 486 -30.35 -16.74 18.88
C LEU B 486 -29.51 -15.52 19.24
N PRO B 487 -29.30 -15.28 20.54
CA PRO B 487 -28.50 -14.11 20.98
C PRO B 487 -27.01 -14.31 20.73
N SER B 488 -26.26 -13.21 20.70
CA SER B 488 -24.81 -13.25 20.78
C SER B 488 -24.40 -13.59 22.23
N VAL B 489 -23.10 -13.79 22.49
CA VAL B 489 -22.59 -14.04 23.85
C VAL B 489 -22.91 -12.85 24.81
N PRO B 490 -22.53 -11.60 24.44
CA PRO B 490 -22.94 -10.48 25.31
C PRO B 490 -24.47 -10.24 25.37
N GLY B 491 -25.21 -10.71 24.37
CA GLY B 491 -26.68 -10.66 24.42
C GLY B 491 -27.28 -11.61 25.45
N LEU B 492 -26.68 -12.80 25.57
CA LEU B 492 -27.06 -13.81 26.57
C LEU B 492 -26.64 -13.33 27.96
N LEU B 493 -25.46 -12.70 28.06
CA LEU B 493 -24.98 -12.06 29.29
C LEU B 493 -25.94 -10.99 29.81
N ARG B 494 -26.43 -10.14 28.91
CA ARG B 494 -27.39 -9.08 29.25
C ARG B 494 -28.72 -9.62 29.79
N LEU B 495 -29.06 -10.84 29.40
CA LEU B 495 -30.21 -11.54 29.95
C LEU B 495 -29.90 -12.14 31.34
N ILE B 496 -28.64 -12.10 31.73
CA ILE B 496 -28.20 -12.60 33.04
C ILE B 496 -27.57 -11.47 33.89
PA FAD C . 13.73 12.25 -3.67
O1A FAD C . 12.32 11.83 -3.83
O2A FAD C . 13.94 13.67 -3.18
O5B FAD C . 14.54 12.10 -5.05
C5B FAD C . 14.30 11.02 -5.97
C4B FAD C . 14.61 11.49 -7.40
O4B FAD C . 14.28 10.39 -8.23
C3B FAD C . 13.69 12.62 -7.87
O3B FAD C . 14.43 13.72 -8.38
C2B FAD C . 12.76 12.00 -8.92
O2B FAD C . 12.30 12.92 -9.91
C1B FAD C . 13.61 10.83 -9.38
N9A FAD C . 12.93 9.70 -10.01
C8A FAD C . 11.77 9.06 -9.62
N7A FAD C . 11.52 8.07 -10.49
C5A FAD C . 12.50 8.07 -11.43
C6A FAD C . 12.74 7.30 -12.56
N6A FAD C . 11.93 6.28 -12.87
N1A FAD C . 13.86 7.56 -13.33
C2A FAD C . 14.72 8.57 -12.99
N3A FAD C . 14.48 9.35 -11.90
C4A FAD C . 13.39 9.09 -11.12
N1 FAD C . 13.03 16.68 5.09
C2 FAD C . 13.83 17.41 5.93
O2 FAD C . 14.96 17.04 6.20
N3 FAD C . 13.33 18.60 6.49
C4 FAD C . 12.07 19.04 6.20
O4 FAD C . 11.67 20.09 6.65
C4X FAD C . 11.25 18.29 5.35
N5 FAD C . 9.97 18.75 5.06
C5X FAD C . 9.24 18.17 4.05
C6 FAD C . 8.10 18.82 3.55
C7 FAD C . 7.59 18.47 2.30
C7M FAD C . 6.35 19.24 1.88
C8 FAD C . 8.23 17.52 1.49
C8M FAD C . 7.80 17.01 0.12
C9 FAD C . 9.36 16.88 2.04
C9A FAD C . 9.87 17.19 3.29
N10 FAD C . 10.92 16.48 3.89
C10 FAD C . 11.74 17.14 4.78
C1' FAD C . 11.45 15.21 3.28
C2' FAD C . 12.69 15.41 2.39
O2' FAD C . 12.40 16.35 1.35
C3' FAD C . 13.01 14.02 1.80
O3' FAD C . 13.31 13.10 2.82
C4' FAD C . 14.24 14.01 0.86
O4' FAD C . 14.20 15.09 -0.05
C5' FAD C . 14.28 12.69 0.08
O5' FAD C . 15.46 12.61 -0.73
P FAD C . 15.69 11.38 -1.72
O1P FAD C . 16.93 11.70 -2.49
O2P FAD C . 15.80 10.09 -0.94
O3P FAD C . 14.41 11.18 -2.66
O2C C17 D . 8.03 20.88 9.70
C2 C17 D . 7.90 19.90 10.46
O1 C17 D . 7.38 20.12 11.71
C9 C17 D . 7.21 19.09 12.60
C10 C17 D . 7.53 17.79 12.27
C4 C17 D . 8.04 17.54 11.00
C4C C17 D . 8.42 16.16 10.58
O4C C17 D . 8.27 15.21 11.37
C3 C17 D . 8.22 18.60 10.09
C8 C17 D . 6.66 19.36 13.94
C7 C17 D . 6.46 18.37 14.82
C6 C17 D . 6.78 17.08 14.49
C5 C17 D . 7.30 16.74 13.30
O7C C17 D . 5.91 18.71 16.14
C7B C17 D . 5.38 20.01 16.48
C1B C17 D . 4.62 19.81 17.75
C6B C17 D . 4.89 20.55 18.92
C5B C17 D . 4.15 20.25 20.07
C4B C17 D . 3.15 19.26 20.05
C3B C17 D . 2.89 18.55 18.88
CL3 C17 D . 1.85 17.47 18.80
C2B C17 D . 3.63 18.82 17.75
PA FAD E . -5.43 -10.11 -14.97
O1A FAD E . -4.36 -9.74 -13.97
O2A FAD E . -5.74 -11.59 -15.04
O5B FAD E . -4.98 -9.61 -16.43
C5B FAD E . -4.26 -8.40 -16.67
C4B FAD E . -3.27 -8.59 -17.82
O4B FAD E . -2.53 -7.39 -17.90
C3B FAD E . -2.25 -9.74 -17.61
O3B FAD E . -2.32 -10.70 -18.67
C2B FAD E . -0.92 -9.03 -17.46
O2B FAD E . 0.27 -9.72 -17.85
C1B FAD E . -1.20 -7.75 -18.25
N9A FAD E . -0.38 -6.58 -17.92
C8A FAD E . 0.03 -6.13 -16.67
N7A FAD E . 0.72 -4.99 -16.83
C5A FAD E . 0.80 -4.71 -18.16
C6A FAD E . 1.43 -3.69 -18.93
N6A FAD E . 2.14 -2.64 -18.41
N1A FAD E . 1.28 -3.76 -20.29
C2A FAD E . 0.58 -4.74 -20.95
N3A FAD E . 0.01 -5.74 -20.23
C4A FAD E . 0.12 -5.72 -18.85
N1 FAD E . -11.12 -16.21 -9.66
C2 FAD E . -12.22 -17.00 -9.89
O2 FAD E . -13.16 -16.59 -10.56
N3 FAD E . -12.23 -18.29 -9.38
C4 FAD E . -11.13 -18.75 -8.66
O4 FAD E . -11.14 -19.90 -8.24
C4X FAD E . -10.03 -17.94 -8.42
N5 FAD E . -8.96 -18.38 -7.65
C5X FAD E . -7.74 -17.76 -7.71
C6 FAD E . -6.58 -18.42 -7.29
C7 FAD E . -5.33 -17.90 -7.65
C7M FAD E . -4.10 -18.60 -7.15
C8 FAD E . -5.23 -16.74 -8.45
C8M FAD E . -3.92 -16.10 -8.86
C9 FAD E . -6.42 -16.11 -8.85
C9A FAD E . -7.68 -16.60 -8.48
N10 FAD E . -8.90 -15.91 -8.75
C10 FAD E . -10.03 -16.68 -8.95
C1' FAD E . -8.83 -14.54 -9.36
C2' FAD E . -9.05 -14.44 -10.89
O2' FAD E . -8.04 -15.12 -11.57
C3' FAD E . -8.92 -12.94 -11.31
O3' FAD E . -9.92 -12.18 -10.64
C4' FAD E . -9.08 -12.68 -12.83
O4' FAD E . -8.27 -13.57 -13.56
C5' FAD E . -8.58 -11.26 -13.10
O5' FAD E . -8.74 -10.92 -14.48
P FAD E . -8.24 -9.48 -15.05
O1P FAD E . -8.30 -9.59 -16.54
O2P FAD E . -9.11 -8.47 -14.40
O3P FAD E . -6.75 -9.25 -14.61
O2C C17 F . -10.98 -21.70 -4.02
C2 C17 F . -11.51 -20.91 -3.21
O1 C17 F . -12.12 -21.42 -2.09
C9 C17 F . -12.73 -20.59 -1.18
C10 C17 F . -12.73 -19.22 -1.35
C4 C17 F . -12.11 -18.69 -2.47
C4C C17 F . -12.11 -17.20 -2.68
O4C C17 F . -12.66 -16.42 -1.85
C3 C17 F . -11.50 -19.53 -3.40
C8 C17 F . -13.39 -21.14 0.00
C7 C17 F . -13.98 -20.35 0.90
C6 C17 F . -13.98 -19.00 0.73
C5 C17 F . -13.41 -18.40 -0.32
O7C C17 F . -14.62 -20.96 2.09
C7B C17 F . -14.29 -22.24 2.67
C1B C17 F . -14.73 -22.28 4.13
C6B C17 F . -15.73 -23.17 4.54
C5B C17 F . -16.16 -23.17 5.87
C4B C17 F . -15.57 -22.30 6.79
C3B C17 F . -14.56 -21.42 6.38
CL3 C17 F . -13.93 -20.48 7.37
C2B C17 F . -14.15 -21.41 5.05
#